data_4E51
#
_entry.id   4E51
#
_cell.length_a   70.160
_cell.length_b   116.360
_cell.length_c   142.990
_cell.angle_alpha   90.000
_cell.angle_beta   90.000
_cell.angle_gamma   90.000
#
_symmetry.space_group_name_H-M   'P 21 21 21'
#
loop_
_entity.id
_entity.type
_entity.pdbx_description
1 polymer 'Histidine--tRNA ligase'
2 non-polymer HISTIDINE
3 water water
#
_entity_poly.entity_id   1
_entity_poly.type   'polypeptide(L)'
_entity_poly.pdbx_seq_one_letter_code
;MAHHHHHHMGTLEAQTQGPGSMTEQKRKLEKLTGVKGMNDILPQDAGLWEFFEATVKSLLRAYGYQNIRTPIVEHTPLFT
RGIGEVTDIVEKEMYSFVDALNGENLTLRPENTAAVVRAAIEHNMLYDGPKRLWYIGPMFRHERPQRGRYRQFHQVGVEA
LGFAGPDADAEIVMMCQRLWEDLGLTGIKLEINSLGLAEERAAHRVELIKYLEQHADKLDDDAQRRLYTNPLRVLDTKNP
ALQEIVRNAPKLIDFLGDVSRAHFEGLQRLLKANNVPFTINPRLVRGLDYYNLTVFEWVTDKLGAQGTVAAGGRYDPLIE
QLGGKPTAACGWAMGIERILELLKEEHLVPEQEGVDVYVVHQGDAAREQAFIVAERLRDTGLDVILHCSADGAGASFKSQ
MKRADASGAAFAVIFGEDEVTNGTASVKPLRGTGDDGEKSVQQSVPVESLTEFLINAMVATAEDGDD
;
_entity_poly.pdbx_strand_id   A,B
#
# COMPACT_ATOMS: atom_id res chain seq x y z
N GLU A 30 12.36 -25.11 15.58
CA GLU A 30 12.60 -23.82 16.34
C GLU A 30 11.83 -22.63 15.71
N LYS A 31 10.87 -22.05 16.47
CA LYS A 31 10.04 -20.92 15.99
C LYS A 31 10.88 -19.66 15.79
N LEU A 32 10.51 -18.90 14.76
CA LEU A 32 11.16 -17.61 14.42
C LEU A 32 10.21 -16.48 14.74
N THR A 33 10.75 -15.29 14.99
CA THR A 33 9.88 -14.14 15.27
C THR A 33 10.16 -12.95 14.37
N GLY A 34 9.17 -12.07 14.29
CA GLY A 34 9.28 -10.88 13.47
C GLY A 34 10.22 -9.92 14.15
N VAL A 35 11.08 -9.31 13.37
CA VAL A 35 11.92 -8.24 13.88
C VAL A 35 11.18 -7.38 14.92
N LYS A 36 11.81 -7.17 16.07
CA LYS A 36 11.18 -6.35 17.12
C LYS A 36 10.93 -4.95 16.54
N GLY A 37 9.74 -4.40 16.80
CA GLY A 37 9.39 -3.05 16.34
C GLY A 37 8.88 -2.98 14.93
N MET A 38 8.68 -4.17 14.35
CA MET A 38 8.13 -4.34 13.02
C MET A 38 6.94 -5.28 13.12
N ASN A 39 5.78 -4.71 13.36
CA ASN A 39 4.56 -5.47 13.57
C ASN A 39 3.91 -6.04 12.31
N ASP A 40 3.28 -7.19 12.45
CA ASP A 40 2.42 -7.69 11.41
C ASP A 40 1.12 -6.96 11.52
N ILE A 41 0.42 -6.81 10.40
CA ILE A 41 -0.94 -6.32 10.41
C ILE A 41 -1.80 -7.49 10.01
N LEU A 42 -2.69 -7.87 10.90
CA LEU A 42 -3.46 -9.10 10.74
C LEU A 42 -4.91 -8.82 10.34
N PRO A 43 -5.64 -9.84 9.90
CA PRO A 43 -7.00 -9.59 9.45
C PRO A 43 -7.85 -8.80 10.43
N GLN A 44 -7.76 -9.08 11.71
CA GLN A 44 -8.50 -8.30 12.74
C GLN A 44 -8.23 -6.78 12.72
N ASP A 45 -7.04 -6.37 12.29
CA ASP A 45 -6.68 -4.97 12.22
C ASP A 45 -6.92 -4.35 10.86
N ALA A 46 -7.07 -5.18 9.82
CA ALA A 46 -7.05 -4.72 8.43
C ALA A 46 -8.14 -3.68 8.15
N GLY A 47 -9.35 -4.00 8.55
CA GLY A 47 -10.45 -3.08 8.38
C GLY A 47 -10.15 -1.67 8.84
N LEU A 48 -9.45 -1.54 9.97
CA LEU A 48 -9.10 -0.23 10.50
C LEU A 48 -8.12 0.46 9.56
N TRP A 49 -7.13 -0.26 9.07
CA TRP A 49 -6.24 0.31 8.06
C TRP A 49 -6.96 0.65 6.80
N GLU A 50 -7.90 -0.21 6.42
CA GLU A 50 -8.60 0.01 5.16
C GLU A 50 -9.47 1.28 5.21
N PHE A 51 -10.08 1.52 6.36
CA PHE A 51 -10.89 2.71 6.59
C PHE A 51 -10.01 3.95 6.45
N PHE A 52 -8.83 3.90 7.04
CA PHE A 52 -7.95 5.06 7.06
C PHE A 52 -7.49 5.32 5.64
N GLU A 53 -6.96 4.29 5.02
CA GLU A 53 -6.49 4.40 3.66
C GLU A 53 -7.58 4.90 2.72
N ALA A 54 -8.76 4.32 2.78
CA ALA A 54 -9.83 4.82 1.91
C ALA A 54 -10.12 6.32 2.21
N THR A 55 -10.23 6.69 3.48
CA THR A 55 -10.58 8.05 3.79
C THR A 55 -9.56 9.04 3.27
N VAL A 56 -8.28 8.82 3.54
CA VAL A 56 -7.28 9.77 3.13
C VAL A 56 -7.14 9.78 1.61
N LYS A 57 -7.23 8.63 0.95
CA LYS A 57 -7.02 8.58 -0.51
C LYS A 57 -8.10 9.35 -1.26
N SER A 58 -9.30 9.30 -0.72
CA SER A 58 -10.39 10.07 -1.22
C SER A 58 -10.15 11.56 -1.02
N LEU A 59 -9.62 11.94 0.14
CA LEU A 59 -9.35 13.35 0.40
C LEU A 59 -8.30 13.85 -0.56
N LEU A 60 -7.31 13.00 -0.82
CA LEU A 60 -6.17 13.38 -1.64
C LEU A 60 -6.64 13.68 -3.06
N ARG A 61 -7.44 12.78 -3.63
CA ARG A 61 -8.07 13.02 -4.91
C ARG A 61 -8.84 14.35 -4.89
N ALA A 62 -9.55 14.61 -3.80
CA ALA A 62 -10.38 15.79 -3.69
C ALA A 62 -9.61 17.11 -3.80
N TYR A 63 -8.29 17.06 -3.64
CA TYR A 63 -7.43 18.23 -3.83
C TYR A 63 -6.56 18.14 -5.11
N GLY A 64 -6.65 17.06 -5.86
CA GLY A 64 -5.91 16.97 -7.10
C GLY A 64 -4.52 16.40 -6.93
N TYR A 65 -4.24 15.83 -5.76
CA TYR A 65 -2.92 15.21 -5.51
C TYR A 65 -2.87 13.84 -6.18
N GLN A 66 -1.69 13.46 -6.65
CA GLN A 66 -1.51 12.26 -7.46
C GLN A 66 -0.37 11.44 -6.97
N ASN A 67 -0.56 10.13 -7.08
CA ASN A 67 0.33 9.18 -6.40
C ASN A 67 1.72 9.12 -7.05
N ILE A 68 2.75 9.07 -6.21
CA ILE A 68 4.11 8.72 -6.63
C ILE A 68 4.61 7.67 -5.65
N ARG A 69 5.26 6.63 -6.15
CA ARG A 69 5.79 5.56 -5.30
C ARG A 69 7.24 5.37 -5.61
N THR A 70 8.06 5.65 -4.60
CA THR A 70 9.51 5.50 -4.71
C THR A 70 9.93 4.20 -4.02
N PRO A 71 11.17 3.74 -4.23
CA PRO A 71 11.53 2.46 -3.66
C PRO A 71 11.74 2.46 -2.17
N ILE A 72 11.80 1.26 -1.63
CA ILE A 72 12.04 1.08 -0.22
C ILE A 72 13.45 1.45 0.13
N VAL A 73 14.39 1.23 -0.81
CA VAL A 73 15.79 1.64 -0.60
C VAL A 73 16.23 2.71 -1.59
N GLU A 74 17.15 3.54 -1.14
CA GLU A 74 17.80 4.54 -1.95
C GLU A 74 19.28 4.55 -1.58
N HIS A 75 20.08 5.23 -2.38
CA HIS A 75 21.45 5.41 -2.04
C HIS A 75 21.59 6.25 -0.82
N THR A 76 22.46 5.81 0.09
CA THR A 76 22.58 6.42 1.40
C THR A 76 22.87 7.93 1.37
N PRO A 77 23.68 8.35 0.40
CA PRO A 77 23.95 9.77 0.38
C PRO A 77 22.69 10.66 0.25
N LEU A 78 21.62 10.16 -0.36
CA LEU A 78 20.35 10.90 -0.44
C LEU A 78 19.86 11.41 0.93
N PHE A 79 19.94 10.54 1.93
CA PHE A 79 19.44 10.88 3.26
C PHE A 79 20.42 11.71 4.04
N THR A 80 21.70 11.48 3.79
CA THR A 80 22.75 12.21 4.47
C THR A 80 22.73 13.69 4.09
N ARG A 81 22.38 13.97 2.83
CA ARG A 81 22.39 15.34 2.31
C ARG A 81 21.07 16.01 2.44
N GLY A 82 20.01 15.21 2.32
CA GLY A 82 18.64 15.71 2.40
C GLY A 82 18.27 16.06 3.83
N ILE A 83 18.51 15.10 4.74
CA ILE A 83 17.99 15.19 6.11
C ILE A 83 19.00 15.89 6.99
N GLY A 84 20.28 15.56 6.80
CA GLY A 84 21.36 16.32 7.40
C GLY A 84 22.16 15.59 8.47
N GLU A 85 23.48 15.71 8.33
CA GLU A 85 24.45 14.97 9.12
C GLU A 85 24.36 15.34 10.60
N VAL A 86 23.86 16.54 10.89
CA VAL A 86 23.70 17.00 12.27
C VAL A 86 22.45 16.43 12.99
N THR A 87 21.63 15.61 12.32
CA THR A 87 20.35 15.11 12.90
C THR A 87 20.44 13.68 13.47
N ASP A 88 19.66 13.44 14.52
CA ASP A 88 19.55 12.14 15.11
C ASP A 88 19.16 11.06 14.12
N ILE A 89 18.28 11.39 13.18
CA ILE A 89 17.86 10.43 12.16
C ILE A 89 19.09 9.91 11.41
N VAL A 90 19.87 10.80 10.79
CA VAL A 90 20.98 10.35 9.94
C VAL A 90 22.11 9.70 10.76
N GLU A 91 22.32 10.24 11.96
CA GLU A 91 23.39 9.80 12.82
C GLU A 91 23.06 8.46 13.48
N LYS A 92 22.06 8.47 14.32
CA LYS A 92 21.74 7.35 15.19
C LYS A 92 20.66 6.37 14.62
N GLU A 93 19.83 6.78 13.65
CA GLU A 93 18.57 6.06 13.38
C GLU A 93 18.29 5.35 12.02
N MET A 94 19.20 5.36 11.05
CA MET A 94 18.90 4.75 9.74
C MET A 94 19.40 3.32 9.64
N TYR A 95 18.65 2.49 8.92
CA TYR A 95 19.11 1.16 8.56
C TYR A 95 19.89 1.27 7.27
N SER A 96 21.23 1.32 7.36
CA SER A 96 22.12 1.40 6.18
C SER A 96 22.99 0.15 6.06
N PHE A 97 23.40 -0.16 4.84
CA PHE A 97 24.20 -1.34 4.60
C PHE A 97 24.85 -1.29 3.23
N VAL A 98 25.72 -2.24 2.90
CA VAL A 98 26.38 -2.26 1.61
C VAL A 98 25.96 -3.47 0.80
N ASP A 99 25.64 -3.23 -0.46
CA ASP A 99 25.25 -4.27 -1.42
C ASP A 99 26.46 -5.15 -1.72
N ALA A 100 26.29 -6.45 -1.55
CA ALA A 100 27.38 -7.40 -1.77
C ALA A 100 28.05 -7.23 -3.15
N LEU A 101 27.29 -7.61 -4.18
CA LEU A 101 27.83 -7.81 -5.53
C LEU A 101 28.27 -6.49 -6.16
N ASN A 102 27.55 -5.41 -5.84
CA ASN A 102 27.71 -4.12 -6.51
C ASN A 102 28.50 -3.13 -5.66
N GLY A 103 28.58 -3.40 -4.36
CA GLY A 103 29.16 -2.40 -3.47
C GLY A 103 28.46 -1.03 -3.53
N GLU A 104 27.17 -0.97 -3.88
CA GLU A 104 26.33 0.22 -3.67
C GLU A 104 26.03 0.44 -2.18
N ASN A 105 26.16 1.67 -1.66
CA ASN A 105 25.65 1.98 -0.30
C ASN A 105 24.13 2.27 -0.25
N LEU A 106 23.42 1.50 0.55
CA LEU A 106 21.96 1.52 0.54
C LEU A 106 21.41 1.75 1.93
N THR A 107 20.25 2.38 1.97
CA THR A 107 19.55 2.67 3.20
C THR A 107 18.04 2.46 2.99
N LEU A 108 17.39 1.82 3.96
CA LEU A 108 15.93 1.72 3.98
C LEU A 108 15.42 3.12 4.29
N ARG A 109 14.54 3.63 3.45
CA ARG A 109 14.05 5.00 3.62
C ARG A 109 13.48 5.25 5.00
N PRO A 110 13.94 6.31 5.65
CA PRO A 110 13.42 6.72 6.96
C PRO A 110 12.27 7.70 6.84
N GLU A 111 11.92 8.03 5.61
CA GLU A 111 11.22 9.25 5.28
C GLU A 111 11.03 9.24 3.75
N ASN A 112 10.12 10.05 3.20
CA ASN A 112 9.90 10.04 1.74
C ASN A 112 10.09 11.36 0.98
N THR A 113 10.22 12.49 1.69
CA THR A 113 10.37 13.77 0.98
C THR A 113 11.57 13.85 0.07
N ALA A 114 12.73 13.41 0.56
CA ALA A 114 13.96 13.47 -0.25
C ALA A 114 13.90 12.55 -1.46
N ALA A 115 13.28 11.41 -1.28
CA ALA A 115 13.12 10.47 -2.39
C ALA A 115 12.16 11.03 -3.46
N VAL A 116 11.15 11.79 -3.04
CA VAL A 116 10.22 12.41 -3.99
C VAL A 116 11.01 13.47 -4.80
N VAL A 117 11.75 14.30 -4.07
CA VAL A 117 12.64 15.21 -4.70
C VAL A 117 13.57 14.52 -5.69
N ARG A 118 14.16 13.40 -5.27
CA ARG A 118 15.05 12.61 -6.13
C ARG A 118 14.39 12.13 -7.42
N ALA A 119 13.17 11.62 -7.31
CA ALA A 119 12.42 11.20 -8.51
C ALA A 119 12.00 12.43 -9.36
N ALA A 120 11.62 13.52 -8.71
CA ALA A 120 11.20 14.71 -9.47
C ALA A 120 12.35 15.21 -10.34
N ILE A 121 13.55 15.19 -9.79
CA ILE A 121 14.73 15.63 -10.50
C ILE A 121 15.11 14.60 -11.53
N GLU A 122 15.19 13.34 -11.12
CA GLU A 122 15.60 12.31 -12.05
C GLU A 122 14.68 12.22 -13.27
N HIS A 123 13.38 12.40 -13.09
CA HIS A 123 12.43 12.22 -14.19
C HIS A 123 11.90 13.50 -14.82
N ASN A 124 12.48 14.63 -14.43
CA ASN A 124 12.17 15.90 -15.05
C ASN A 124 10.67 16.24 -14.86
N MET A 125 10.15 15.97 -13.68
CA MET A 125 8.72 16.14 -13.41
C MET A 125 8.24 17.60 -13.44
N LEU A 126 9.13 18.55 -13.17
CA LEU A 126 8.72 19.96 -13.09
C LEU A 126 8.83 20.74 -14.41
N TYR A 127 9.10 20.03 -15.51
CA TYR A 127 9.26 20.67 -16.84
C TYR A 127 8.03 21.47 -17.18
N ASP A 128 6.87 20.86 -17.00
CA ASP A 128 5.60 21.46 -17.43
C ASP A 128 4.86 22.12 -16.26
N GLY A 129 5.53 22.32 -15.13
CA GLY A 129 4.97 23.10 -14.03
C GLY A 129 5.01 22.39 -12.68
N PRO A 130 4.46 23.03 -11.65
CA PRO A 130 4.41 22.44 -10.32
C PRO A 130 3.56 21.17 -10.25
N LYS A 131 3.73 20.41 -9.17
CA LYS A 131 3.12 19.09 -9.05
C LYS A 131 2.60 18.87 -7.63
N ARG A 132 1.39 18.35 -7.54
CA ARG A 132 0.81 17.90 -6.28
C ARG A 132 0.94 16.38 -6.10
N LEU A 133 1.82 15.97 -5.19
CA LEU A 133 2.15 14.56 -5.04
C LEU A 133 1.77 13.97 -3.67
N TRP A 134 1.28 12.72 -3.66
CA TRP A 134 1.13 11.97 -2.41
C TRP A 134 1.75 10.61 -2.43
N TYR A 135 2.05 10.11 -1.24
CA TYR A 135 2.67 8.78 -1.12
C TYR A 135 2.17 8.09 0.15
N ILE A 136 2.22 6.76 0.13
CA ILE A 136 1.88 5.97 1.30
C ILE A 136 2.73 4.69 1.31
N GLY A 137 3.28 4.37 2.46
CA GLY A 137 4.08 3.18 2.56
C GLY A 137 4.89 3.12 3.82
N PRO A 138 5.64 2.04 3.96
CA PRO A 138 6.48 1.84 5.17
C PRO A 138 7.79 2.62 5.13
N MET A 139 8.20 3.06 6.31
CA MET A 139 9.45 3.76 6.57
C MET A 139 10.17 3.07 7.73
N PHE A 140 11.47 3.33 7.90
CA PHE A 140 12.31 2.60 8.87
C PHE A 140 13.18 3.45 9.77
N ARG A 141 13.20 3.16 11.06
CA ARG A 141 13.97 3.95 12.05
C ARG A 141 14.25 3.22 13.34
N HIS A 142 15.51 3.22 13.77
CA HIS A 142 15.90 2.75 15.11
C HIS A 142 15.63 3.87 16.06
N GLU A 143 14.50 3.84 16.75
CA GLU A 143 14.20 4.87 17.72
C GLU A 143 14.18 4.34 19.16
N ARG A 144 14.36 5.24 20.13
CA ARG A 144 14.13 4.90 21.55
C ARG A 144 12.62 4.95 21.82
N PRO A 145 12.08 4.03 22.66
CA PRO A 145 10.62 4.03 22.89
C PRO A 145 10.20 5.03 23.97
N ARG A 149 7.46 3.70 19.18
CA ARG A 149 7.60 2.26 19.46
C ARG A 149 8.00 1.48 18.21
N TYR A 150 7.85 2.11 17.03
CA TYR A 150 7.88 1.36 15.77
C TYR A 150 9.13 1.59 14.93
N ARG A 151 9.90 0.54 14.74
CA ARG A 151 11.07 0.59 13.88
C ARG A 151 10.64 0.45 12.40
N GLN A 152 9.61 -0.35 12.12
CA GLN A 152 8.91 -0.22 10.82
C GLN A 152 7.63 0.52 11.13
N PHE A 153 7.38 1.61 10.43
CA PHE A 153 6.11 2.34 10.60
C PHE A 153 5.64 2.81 9.25
N HIS A 154 4.46 3.39 9.21
CA HIS A 154 3.87 3.78 7.95
C HIS A 154 3.48 5.23 7.94
N GLN A 155 3.72 5.85 6.78
CA GLN A 155 3.38 7.22 6.55
C GLN A 155 2.50 7.34 5.37
N VAL A 156 1.60 8.30 5.47
CA VAL A 156 0.99 8.88 4.27
C VAL A 156 1.49 10.32 4.26
N GLY A 157 1.79 10.83 3.08
CA GLY A 157 2.24 12.20 3.00
C GLY A 157 2.05 12.83 1.66
N VAL A 158 2.20 14.15 1.65
CA VAL A 158 2.05 14.92 0.44
C VAL A 158 3.27 15.80 0.24
N GLU A 159 3.59 16.05 -1.04
CA GLU A 159 4.56 17.11 -1.41
C GLU A 159 3.97 17.99 -2.48
N ALA A 160 3.95 19.30 -2.23
CA ALA A 160 3.55 20.29 -3.24
C ALA A 160 4.81 20.86 -3.80
N LEU A 161 5.21 20.34 -4.96
CA LEU A 161 6.53 20.66 -5.52
C LEU A 161 6.39 21.79 -6.51
N GLY A 162 7.20 22.84 -6.36
CA GLY A 162 7.16 23.98 -7.25
C GLY A 162 6.28 25.17 -6.88
N PHE A 163 5.63 25.14 -5.72
CA PHE A 163 4.75 26.21 -5.30
C PHE A 163 5.47 27.04 -4.24
N ALA A 164 5.58 28.35 -4.44
CA ALA A 164 6.24 29.25 -3.46
C ALA A 164 5.42 29.40 -2.20
N GLY A 165 4.10 29.34 -2.35
CA GLY A 165 3.20 29.63 -1.25
C GLY A 165 3.12 31.11 -0.94
N PRO A 166 2.49 31.48 0.18
CA PRO A 166 1.95 30.64 1.22
C PRO A 166 0.59 30.01 0.94
N ASP A 167 0.01 30.24 -0.24
CA ASP A 167 -1.26 29.55 -0.56
C ASP A 167 -1.09 28.03 -0.47
N ALA A 168 -0.03 27.49 -1.06
CA ALA A 168 0.14 26.04 -1.08
C ALA A 168 0.28 25.54 0.35
N ASP A 169 1.01 26.28 1.18
CA ASP A 169 1.15 25.96 2.61
C ASP A 169 -0.24 25.87 3.29
N ALA A 170 -1.08 26.86 3.05
CA ALA A 170 -2.43 26.84 3.59
C ALA A 170 -3.20 25.60 3.14
N GLU A 171 -3.12 25.31 1.85
CA GLU A 171 -3.79 24.15 1.30
C GLU A 171 -3.42 22.91 2.06
N ILE A 172 -2.12 22.65 2.19
CA ILE A 172 -1.73 21.33 2.71
C ILE A 172 -2.07 21.23 4.19
N VAL A 173 -2.03 22.35 4.92
CA VAL A 173 -2.49 22.35 6.31
C VAL A 173 -3.98 21.99 6.36
N MET A 174 -4.76 22.57 5.44
CA MET A 174 -6.17 22.33 5.38
C MET A 174 -6.50 20.88 5.06
N MET A 175 -5.67 20.27 4.22
CA MET A 175 -5.90 18.87 3.90
C MET A 175 -5.91 18.06 5.21
N CYS A 176 -5.01 18.39 6.15
CA CYS A 176 -4.96 17.67 7.43
C CYS A 176 -6.25 17.87 8.20
N GLN A 177 -6.73 19.11 8.26
CA GLN A 177 -7.91 19.38 9.05
C GLN A 177 -9.09 18.56 8.57
N ARG A 178 -9.27 18.55 7.25
CA ARG A 178 -10.33 17.77 6.65
C ARG A 178 -10.21 16.29 6.98
N LEU A 179 -9.00 15.75 6.94
CA LEU A 179 -8.84 14.34 7.31
C LEU A 179 -9.36 14.06 8.72
N TRP A 180 -9.09 14.93 9.69
CA TRP A 180 -9.59 14.68 11.04
C TRP A 180 -11.09 14.66 11.06
N GLU A 181 -11.71 15.59 10.35
CA GLU A 181 -13.17 15.67 10.32
C GLU A 181 -13.74 14.41 9.70
N ASP A 182 -13.21 14.05 8.53
CA ASP A 182 -13.63 12.83 7.84
C ASP A 182 -13.41 11.57 8.69
N LEU A 183 -12.37 11.56 9.53
CA LEU A 183 -12.08 10.37 10.33
C LEU A 183 -12.91 10.34 11.60
N GLY A 184 -13.47 11.48 11.97
CA GLY A 184 -14.25 11.61 13.20
C GLY A 184 -13.44 12.12 14.39
N LEU A 185 -12.13 12.31 14.23
CA LEU A 185 -11.29 12.76 15.35
C LEU A 185 -11.45 14.24 15.68
N THR A 186 -11.53 14.53 16.96
CA THR A 186 -11.69 15.91 17.40
C THR A 186 -10.58 16.18 18.41
N GLY A 187 -10.36 17.44 18.75
CA GLY A 187 -9.25 17.78 19.63
C GLY A 187 -7.83 17.48 19.11
N ILE A 188 -7.64 17.66 17.81
CA ILE A 188 -6.30 17.70 17.25
C ILE A 188 -6.06 19.16 16.92
N LYS A 189 -4.91 19.67 17.30
CA LYS A 189 -4.70 21.10 17.29
C LYS A 189 -3.49 21.40 16.41
N LEU A 190 -3.52 22.53 15.75
CA LEU A 190 -2.48 22.91 14.84
C LEU A 190 -1.55 23.88 15.53
N GLU A 191 -0.25 23.60 15.49
CA GLU A 191 0.73 24.61 15.82
C GLU A 191 1.61 24.90 14.63
N ILE A 192 1.92 26.16 14.42
CA ILE A 192 2.77 26.58 13.32
C ILE A 192 3.99 27.35 13.80
N ASN A 193 4.95 27.56 12.90
CA ASN A 193 6.18 28.26 13.25
C ASN A 193 6.90 28.54 11.94
N SER A 194 7.83 29.49 11.96
CA SER A 194 8.65 29.77 10.80
C SER A 194 10.09 29.54 11.20
N LEU A 195 10.89 28.98 10.30
CA LEU A 195 12.32 28.87 10.47
C LEU A 195 13.00 29.95 9.62
N GLY A 196 12.20 30.81 8.99
CA GLY A 196 12.73 31.85 8.11
C GLY A 196 13.69 31.32 7.07
N LEU A 197 14.62 32.19 6.65
CA LEU A 197 15.69 31.81 5.73
C LEU A 197 17.00 31.59 6.49
N ALA A 198 18.03 31.12 5.78
CA ALA A 198 19.34 30.79 6.39
C ALA A 198 19.98 31.93 7.21
N GLU A 199 20.05 33.13 6.60
CA GLU A 199 20.66 34.32 7.27
C GLU A 199 19.91 34.67 8.55
N GLU A 200 18.59 34.54 8.51
CA GLU A 200 17.76 34.88 9.65
C GLU A 200 17.93 33.81 10.74
N ARG A 201 18.05 32.56 10.32
CA ARG A 201 18.38 31.47 11.24
C ARG A 201 19.72 31.76 11.92
N ALA A 202 20.69 32.22 11.14
CA ALA A 202 22.04 32.43 11.63
C ALA A 202 22.04 33.54 12.68
N ALA A 203 21.35 34.64 12.39
CA ALA A 203 21.25 35.75 13.34
C ALA A 203 20.59 35.30 14.62
N HIS A 204 19.49 34.56 14.47
CA HIS A 204 18.77 34.04 15.61
C HIS A 204 19.65 33.14 16.41
N ARG A 205 20.37 32.23 15.72
CA ARG A 205 21.28 31.27 16.40
C ARG A 205 22.19 32.04 17.36
N VAL A 206 22.84 33.09 16.85
CA VAL A 206 23.73 33.84 17.69
C VAL A 206 23.07 34.19 19.03
N GLU A 207 21.91 34.86 19.01
CA GLU A 207 21.32 35.38 20.26
C GLU A 207 20.82 34.27 21.14
N LEU A 208 20.47 33.16 20.51
CA LEU A 208 19.98 32.00 21.25
C LEU A 208 21.12 31.42 22.00
N ILE A 209 22.26 31.26 21.32
CA ILE A 209 23.43 30.71 21.99
C ILE A 209 23.86 31.66 23.10
N LYS A 210 23.97 32.95 22.79
CA LYS A 210 24.30 33.96 23.80
C LYS A 210 23.34 33.83 25.00
N TYR A 211 22.05 33.59 24.72
CA TYR A 211 21.06 33.45 25.78
C TYR A 211 21.26 32.18 26.56
N LEU A 212 21.40 31.08 25.82
CA LEU A 212 21.48 29.76 26.47
C LEU A 212 22.76 29.72 27.32
N GLU A 213 23.86 30.27 26.79
CA GLU A 213 25.14 30.38 27.53
C GLU A 213 24.94 30.99 28.93
N GLN A 214 24.03 31.95 29.09
CA GLN A 214 23.72 32.52 30.42
C GLN A 214 23.30 31.50 31.48
N HIS A 215 22.78 30.37 31.02
CA HIS A 215 22.22 29.36 31.92
C HIS A 215 22.87 28.04 31.77
N ALA A 216 24.16 28.03 31.40
CA ALA A 216 24.85 26.76 31.19
C ALA A 216 24.91 25.94 32.47
N ASP A 217 24.97 26.62 33.62
CA ASP A 217 24.93 25.93 34.93
C ASP A 217 23.69 25.02 35.12
N LYS A 218 22.56 25.35 34.48
CA LYS A 218 21.32 24.55 34.58
C LYS A 218 21.02 23.65 33.36
N LEU A 219 21.85 23.67 32.32
CA LEU A 219 21.63 22.78 31.17
C LEU A 219 21.97 21.36 31.52
N ASP A 220 21.16 20.43 31.03
CA ASP A 220 21.47 19.00 31.19
C ASP A 220 22.54 18.58 30.19
N ASP A 221 22.87 17.30 30.16
CA ASP A 221 23.93 16.82 29.27
C ASP A 221 23.50 16.77 27.81
N ASP A 222 22.22 16.47 27.57
CA ASP A 222 21.67 16.48 26.20
C ASP A 222 21.68 17.91 25.66
N ALA A 223 21.33 18.88 26.50
CA ALA A 223 21.34 20.27 26.09
C ALA A 223 22.77 20.74 25.78
N GLN A 224 23.73 20.41 26.64
CA GLN A 224 25.11 20.77 26.36
C GLN A 224 25.60 20.29 24.99
N ARG A 225 25.34 19.03 24.69
CA ARG A 225 25.78 18.40 23.44
C ARG A 225 25.28 19.22 22.27
N ARG A 226 24.02 19.64 22.35
CA ARG A 226 23.35 20.33 21.26
C ARG A 226 23.57 21.84 21.21
N LEU A 227 24.08 22.42 22.28
CA LEU A 227 24.12 23.88 22.43
C LEU A 227 24.79 24.57 21.26
N TYR A 228 26.01 24.14 20.92
CA TYR A 228 26.78 24.76 19.82
C TYR A 228 26.59 24.12 18.43
N THR A 229 25.73 23.11 18.29
CA THR A 229 25.51 22.42 16.98
C THR A 229 24.08 22.56 16.38
N ASN A 230 23.06 22.27 17.18
CA ASN A 230 21.67 22.58 16.83
C ASN A 230 20.93 23.07 18.08
N PRO A 231 21.16 24.34 18.44
CA PRO A 231 20.55 24.91 19.64
C PRO A 231 19.03 25.00 19.58
N LEU A 232 18.48 25.09 18.38
CA LEU A 232 17.02 25.10 18.25
C LEU A 232 16.42 23.86 18.88
N ARG A 233 17.11 22.72 18.74
CA ARG A 233 16.64 21.48 19.35
C ARG A 233 16.68 21.53 20.89
N VAL A 234 17.40 22.47 21.47
CA VAL A 234 17.36 22.66 22.94
C VAL A 234 16.01 23.22 23.42
N LEU A 235 15.42 24.10 22.62
CA LEU A 235 14.12 24.68 22.90
C LEU A 235 13.00 23.64 23.06
N ASP A 236 13.14 22.55 22.33
CA ASP A 236 12.23 21.41 22.40
C ASP A 236 12.32 20.66 23.77
N THR A 237 13.26 21.01 24.64
CA THR A 237 13.49 20.25 25.88
C THR A 237 12.26 19.87 26.73
N LYS A 238 12.30 18.64 27.25
CA LYS A 238 11.29 18.10 28.16
C LYS A 238 11.72 18.35 29.62
N ASN A 239 13.03 18.52 29.85
CA ASN A 239 13.58 18.80 31.18
C ASN A 239 12.80 19.88 31.91
N PRO A 240 12.21 19.52 33.07
CA PRO A 240 11.42 20.43 33.90
C PRO A 240 12.04 21.77 34.28
N ALA A 241 13.34 21.78 34.61
CA ALA A 241 14.04 23.02 35.06
C ALA A 241 14.36 24.00 33.92
N LEU A 242 14.21 23.55 32.68
CA LEU A 242 14.57 24.34 31.51
C LEU A 242 13.37 25.09 30.90
N GLN A 243 12.18 24.84 31.44
CA GLN A 243 10.97 25.28 30.77
C GLN A 243 10.85 26.79 30.76
N GLU A 244 10.98 27.39 31.93
CA GLU A 244 10.90 28.84 32.04
C GLU A 244 12.01 29.51 31.21
N ILE A 245 13.18 28.88 31.14
CA ILE A 245 14.28 29.36 30.28
C ILE A 245 13.93 29.30 28.79
N VAL A 246 13.52 28.13 28.31
CA VAL A 246 13.26 27.95 26.88
C VAL A 246 12.09 28.83 26.41
N ARG A 247 11.05 28.92 27.23
CA ARG A 247 9.91 29.80 26.93
C ARG A 247 10.28 31.31 26.81
N ASN A 248 11.41 31.73 27.37
CA ASN A 248 11.86 33.12 27.26
C ASN A 248 13.04 33.30 26.34
N ALA A 249 13.40 32.23 25.64
CA ALA A 249 14.44 32.28 24.63
C ALA A 249 14.12 33.34 23.60
N PRO A 250 15.14 33.89 22.96
CA PRO A 250 14.90 34.68 21.75
C PRO A 250 14.13 33.84 20.72
N LYS A 251 13.09 34.43 20.15
CA LYS A 251 12.21 33.74 19.20
C LYS A 251 12.69 33.93 17.78
N LEU A 252 12.90 32.84 17.05
CA LEU A 252 13.30 32.96 15.63
C LEU A 252 12.37 33.89 14.82
N ILE A 253 11.11 33.99 15.23
CA ILE A 253 10.08 34.71 14.49
C ILE A 253 10.35 36.21 14.49
N ASP A 254 11.09 36.70 15.50
CA ASP A 254 11.46 38.12 15.60
C ASP A 254 12.61 38.51 14.68
N PHE A 255 13.23 37.53 14.01
CA PHE A 255 14.34 37.78 13.08
C PHE A 255 13.89 37.62 11.63
N LEU A 256 12.59 37.56 11.41
CA LEU A 256 12.09 37.46 10.07
C LEU A 256 12.11 38.81 9.36
N GLY A 257 12.83 38.86 8.25
CA GLY A 257 12.74 39.99 7.30
C GLY A 257 11.40 40.06 6.58
N ASP A 258 11.29 41.04 5.67
CA ASP A 258 10.06 41.34 4.90
C ASP A 258 9.49 40.14 4.16
N VAL A 259 10.35 39.41 3.44
CA VAL A 259 9.84 38.34 2.57
C VAL A 259 9.26 37.20 3.42
N SER A 260 9.98 36.87 4.50
CA SER A 260 9.60 35.80 5.42
C SER A 260 8.34 36.11 6.18
N ARG A 261 8.30 37.29 6.77
CA ARG A 261 7.20 37.70 7.62
C ARG A 261 5.95 37.71 6.74
N ALA A 262 6.09 38.18 5.51
CA ALA A 262 4.95 38.30 4.63
C ALA A 262 4.40 36.90 4.36
N HIS A 263 5.28 35.96 4.05
CA HIS A 263 4.88 34.59 3.85
C HIS A 263 4.18 34.02 5.07
N PHE A 264 4.81 34.12 6.24
CA PHE A 264 4.25 33.59 7.49
C PHE A 264 2.91 34.22 7.82
N GLU A 265 2.84 35.52 7.67
CA GLU A 265 1.61 36.23 7.97
C GLU A 265 0.51 35.88 6.97
N GLY A 266 0.89 35.71 5.71
CA GLY A 266 -0.06 35.33 4.67
C GLY A 266 -0.60 33.93 4.85
N LEU A 267 0.23 33.02 5.33
CA LEU A 267 -0.27 31.72 5.72
C LEU A 267 -1.33 31.92 6.84
N GLN A 268 -1.00 32.72 7.85
CA GLN A 268 -1.97 32.97 8.96
C GLN A 268 -3.26 33.66 8.45
N ARG A 269 -3.13 34.55 7.46
CA ARG A 269 -4.29 35.21 6.88
C ARG A 269 -5.22 34.16 6.30
N LEU A 270 -4.68 33.22 5.52
CA LEU A 270 -5.53 32.22 4.87
C LEU A 270 -6.18 31.32 5.88
N LEU A 271 -5.41 30.91 6.88
CA LEU A 271 -5.95 30.05 7.92
C LEU A 271 -7.08 30.75 8.66
N LYS A 272 -6.93 32.03 8.94
CA LYS A 272 -7.99 32.75 9.65
C LYS A 272 -9.22 32.84 8.76
N ALA A 273 -9.00 33.22 7.51
CA ALA A 273 -10.07 33.33 6.52
C ALA A 273 -10.87 32.02 6.41
N ASN A 274 -10.24 30.87 6.60
CA ASN A 274 -10.93 29.59 6.64
C ASN A 274 -11.31 29.09 8.03
N ASN A 275 -11.23 29.98 9.02
CA ASN A 275 -11.57 29.64 10.38
C ASN A 275 -10.80 28.43 10.94
N VAL A 276 -9.52 28.30 10.60
CA VAL A 276 -8.69 27.20 11.16
C VAL A 276 -7.96 27.66 12.45
N PRO A 277 -8.29 27.05 13.58
CA PRO A 277 -7.63 27.50 14.80
C PRO A 277 -6.21 26.97 14.85
N PHE A 278 -5.36 27.77 15.47
CA PHE A 278 -3.95 27.50 15.61
C PHE A 278 -3.24 28.30 16.71
N THR A 279 -2.09 27.79 17.10
CA THR A 279 -1.23 28.48 18.01
C THR A 279 0.13 28.58 17.32
N ILE A 280 0.81 29.70 17.56
CA ILE A 280 2.19 29.84 17.13
C ILE A 280 3.06 29.25 18.21
N ASN A 281 3.83 28.23 17.85
CA ASN A 281 4.80 27.62 18.75
C ASN A 281 6.25 27.85 18.26
N PRO A 282 6.92 28.86 18.80
CA PRO A 282 8.27 29.16 18.34
C PRO A 282 9.35 28.13 18.74
N ARG A 283 9.05 27.23 19.65
CA ARG A 283 9.95 26.12 19.98
C ARG A 283 9.75 24.92 19.06
N LEU A 284 8.84 25.04 18.10
CA LEU A 284 8.58 23.95 17.15
C LEU A 284 9.72 23.85 16.16
N VAL A 285 10.53 22.82 16.33
CA VAL A 285 11.55 22.45 15.34
C VAL A 285 11.39 20.98 15.01
N ARG A 286 11.68 20.67 13.76
CA ARG A 286 11.47 19.34 13.29
C ARG A 286 12.82 18.67 13.25
N GLY A 287 12.85 17.35 13.27
CA GLY A 287 14.13 16.61 13.23
C GLY A 287 14.72 16.36 11.85
N LEU A 288 14.57 17.30 10.93
CA LEU A 288 15.14 17.20 9.58
C LEU A 288 15.52 18.62 9.15
N ASP A 289 16.80 18.83 8.81
CA ASP A 289 17.33 20.17 8.52
C ASP A 289 17.00 20.75 7.13
N TYR A 290 16.13 20.11 6.36
CA TYR A 290 15.77 20.65 5.03
C TYR A 290 14.71 21.79 5.08
N TYR A 291 14.04 21.92 6.21
CA TYR A 291 13.00 22.93 6.40
C TYR A 291 13.47 24.38 6.38
N ASN A 292 12.66 25.23 5.78
CA ASN A 292 12.82 26.67 5.89
C ASN A 292 11.44 27.29 5.85
N LEU A 293 11.33 28.52 6.32
CA LEU A 293 10.02 29.18 6.42
C LEU A 293 9.03 28.34 7.27
N THR A 294 7.85 28.03 6.69
CA THR A 294 6.79 27.35 7.42
C THR A 294 7.18 26.00 7.97
N VAL A 295 6.94 25.79 9.25
CA VAL A 295 6.88 24.45 9.81
C VAL A 295 5.62 24.31 10.65
N PHE A 296 5.04 23.13 10.68
CA PHE A 296 3.81 22.97 11.44
C PHE A 296 3.63 21.57 11.92
N GLU A 297 2.81 21.43 12.95
CA GLU A 297 2.54 20.14 13.53
C GLU A 297 1.05 20.10 13.89
N TRP A 298 0.46 18.91 13.78
CA TRP A 298 -0.82 18.61 14.36
C TRP A 298 -0.64 17.69 15.57
N VAL A 299 -1.19 18.10 16.70
CA VAL A 299 -0.86 17.51 17.99
C VAL A 299 -2.14 17.14 18.74
N THR A 300 -2.09 16.02 19.44
CA THR A 300 -3.19 15.55 20.25
C THR A 300 -2.85 15.68 21.72
N ASP A 301 -3.82 16.09 22.52
CA ASP A 301 -3.68 16.28 23.97
C ASP A 301 -4.27 15.06 24.69
N LYS A 302 -3.69 13.89 24.40
CA LYS A 302 -4.06 12.61 25.03
C LYS A 302 -5.20 11.96 24.24
N GLY A 307 2.43 12.14 20.68
CA GLY A 307 1.67 13.39 20.68
C GLY A 307 1.43 14.03 19.30
N THR A 308 2.50 14.21 18.51
CA THR A 308 2.41 14.74 17.16
C THR A 308 1.82 13.69 16.25
N VAL A 309 0.87 14.09 15.42
CA VAL A 309 0.10 13.18 14.57
C VAL A 309 0.30 13.50 13.10
N ALA A 310 0.68 14.73 12.79
CA ALA A 310 1.01 15.13 11.45
C ALA A 310 2.09 16.18 11.60
N ALA A 311 3.02 16.25 10.66
CA ALA A 311 4.06 17.28 10.71
C ALA A 311 4.53 17.61 9.33
N GLY A 312 4.92 18.86 9.12
CA GLY A 312 5.40 19.26 7.80
C GLY A 312 5.95 20.66 7.74
N GLY A 313 6.11 21.16 6.53
CA GLY A 313 6.67 22.46 6.39
C GLY A 313 7.26 22.62 5.03
N ARG A 314 7.82 23.81 4.83
CA ARG A 314 8.41 24.23 3.58
C ARG A 314 9.88 23.91 3.62
N TYR A 315 10.45 23.69 2.43
CA TYR A 315 11.80 23.16 2.31
C TYR A 315 12.40 23.57 0.94
N ASP A 316 12.30 24.86 0.61
CA ASP A 316 12.74 25.37 -0.70
C ASP A 316 14.21 25.07 -1.07
N PRO A 317 15.12 25.12 -0.11
CA PRO A 317 16.51 24.80 -0.45
C PRO A 317 16.78 23.37 -0.91
N LEU A 318 15.97 22.42 -0.48
CA LEU A 318 16.29 21.02 -0.68
C LEU A 318 16.51 20.61 -2.13
N ILE A 319 15.71 21.09 -3.06
CA ILE A 319 15.80 20.56 -4.42
C ILE A 319 17.15 20.92 -5.01
N GLU A 320 17.55 22.18 -4.87
CA GLU A 320 18.87 22.61 -5.31
C GLU A 320 19.99 21.78 -4.65
N GLN A 321 19.88 21.60 -3.33
CA GLN A 321 20.86 20.81 -2.57
C GLN A 321 21.04 19.38 -3.09
N LEU A 322 20.03 18.87 -3.81
CA LEU A 322 20.10 17.56 -4.41
C LEU A 322 20.28 17.66 -5.92
N GLY A 323 20.70 18.83 -6.38
CA GLY A 323 21.23 19.01 -7.73
C GLY A 323 20.23 19.46 -8.75
N GLY A 324 19.10 19.98 -8.27
CA GLY A 324 18.01 20.39 -9.17
C GLY A 324 17.89 21.89 -9.35
N LYS A 325 17.17 22.30 -10.39
CA LYS A 325 16.88 23.70 -10.59
C LYS A 325 16.30 24.23 -9.26
N PRO A 326 16.81 25.35 -8.74
CA PRO A 326 16.21 25.86 -7.50
C PRO A 326 14.66 25.98 -7.58
N THR A 327 13.98 25.42 -6.58
CA THR A 327 12.54 25.15 -6.64
C THR A 327 11.95 25.21 -5.26
N ALA A 328 10.79 25.83 -5.13
CA ALA A 328 10.13 25.96 -3.84
C ALA A 328 9.30 24.70 -3.64
N ALA A 329 9.08 24.32 -2.39
CA ALA A 329 8.36 23.07 -2.05
C ALA A 329 7.90 23.11 -0.63
N CYS A 330 6.74 22.50 -0.40
CA CYS A 330 6.28 22.20 0.95
C CYS A 330 5.49 20.92 0.96
N GLY A 331 5.34 20.33 2.15
CA GLY A 331 4.64 19.05 2.29
C GLY A 331 4.40 18.57 3.71
N TRP A 332 3.78 17.41 3.85
CA TRP A 332 3.65 16.78 5.15
C TRP A 332 3.56 15.31 5.13
N ALA A 333 3.70 14.69 6.30
CA ALA A 333 3.56 13.23 6.49
C ALA A 333 2.89 13.00 7.83
N MET A 334 2.26 11.84 7.96
CA MET A 334 1.54 11.40 9.15
C MET A 334 1.97 10.00 9.48
N GLY A 335 2.11 9.69 10.76
CA GLY A 335 2.39 8.34 11.18
C GLY A 335 1.06 7.68 11.35
N ILE A 336 0.79 6.71 10.47
CA ILE A 336 -0.53 6.13 10.44
C ILE A 336 -0.83 5.44 11.78
N GLU A 337 0.12 4.63 12.25
CA GLU A 337 -0.10 3.81 13.45
C GLU A 337 -0.58 4.67 14.60
N ARG A 338 -0.01 5.87 14.74
CA ARG A 338 -0.36 6.80 15.81
C ARG A 338 -1.82 7.29 15.59
N ILE A 339 -2.22 7.56 14.35
CA ILE A 339 -3.64 7.90 14.08
C ILE A 339 -4.58 6.70 14.34
N LEU A 340 -4.13 5.50 14.01
CA LEU A 340 -4.94 4.31 14.28
C LEU A 340 -5.20 4.17 15.77
N GLU A 341 -4.15 4.31 16.58
CA GLU A 341 -4.34 4.22 18.03
C GLU A 341 -5.39 5.23 18.50
N LEU A 342 -5.35 6.42 17.96
CA LEU A 342 -6.37 7.41 18.28
C LEU A 342 -7.76 6.94 17.92
N LEU A 343 -7.92 6.32 16.76
CA LEU A 343 -9.25 5.86 16.35
C LEU A 343 -9.77 4.80 17.32
N LYS A 344 -8.87 3.96 17.83
CA LYS A 344 -9.22 2.95 18.84
C LYS A 344 -9.60 3.61 20.18
N GLU A 345 -8.71 4.44 20.72
CA GLU A 345 -8.98 5.19 21.94
C GLU A 345 -10.35 5.93 21.85
N GLU A 346 -10.67 6.55 20.72
CA GLU A 346 -11.92 7.31 20.60
C GLU A 346 -13.09 6.46 20.04
N HIS A 347 -12.93 5.14 20.01
CA HIS A 347 -13.99 4.20 19.54
C HIS A 347 -14.55 4.43 18.16
N LEU A 348 -13.70 4.80 17.22
CA LEU A 348 -14.12 5.02 15.85
C LEU A 348 -13.75 3.87 14.90
N VAL A 349 -13.37 2.72 15.47
CA VAL A 349 -13.11 1.49 14.69
C VAL A 349 -14.40 0.97 14.05
N PRO A 350 -14.51 1.00 12.72
CA PRO A 350 -15.77 0.49 12.10
C PRO A 350 -15.96 -1.00 12.31
N GLU A 351 -17.16 -1.48 12.06
CA GLU A 351 -17.47 -2.90 12.25
C GLU A 351 -16.80 -3.73 11.14
N GLN A 352 -16.43 -4.97 11.43
CA GLN A 352 -15.88 -5.87 10.39
C GLN A 352 -16.90 -6.02 9.26
N GLU A 353 -16.46 -5.91 8.01
CA GLU A 353 -17.35 -6.19 6.88
C GLU A 353 -17.43 -7.71 6.84
N GLY A 354 -18.62 -8.26 6.69
CA GLY A 354 -18.77 -9.69 6.46
C GLY A 354 -19.08 -9.93 5.00
N VAL A 355 -18.99 -11.19 4.58
CA VAL A 355 -19.37 -11.55 3.22
C VAL A 355 -20.88 -11.58 3.17
N ASP A 356 -21.45 -11.71 1.99
CA ASP A 356 -22.90 -11.77 1.88
C ASP A 356 -23.44 -13.17 2.11
N VAL A 357 -22.75 -14.20 1.58
CA VAL A 357 -23.23 -15.60 1.63
C VAL A 357 -22.17 -16.60 2.05
N TYR A 358 -22.56 -17.66 2.77
CA TYR A 358 -21.65 -18.74 3.13
C TYR A 358 -22.28 -19.98 2.54
N VAL A 359 -21.57 -20.68 1.64
CA VAL A 359 -22.15 -21.85 1.00
C VAL A 359 -21.78 -23.13 1.74
N VAL A 360 -22.81 -23.83 2.21
CA VAL A 360 -22.70 -25.00 3.05
C VAL A 360 -23.07 -26.22 2.22
N HIS A 361 -22.33 -27.31 2.34
CA HIS A 361 -22.60 -28.49 1.54
C HIS A 361 -22.09 -29.77 2.13
N GLN A 362 -22.79 -30.87 1.85
CA GLN A 362 -22.33 -32.25 2.11
C GLN A 362 -22.59 -33.09 0.88
N GLY A 363 -21.69 -34.00 0.57
CA GLY A 363 -21.80 -34.85 -0.63
C GLY A 363 -20.94 -34.31 -1.77
N ASP A 364 -20.50 -35.22 -2.63
CA ASP A 364 -19.75 -34.88 -3.85
C ASP A 364 -20.59 -34.12 -4.85
N ALA A 365 -21.83 -34.52 -5.02
CA ALA A 365 -22.68 -33.87 -6.00
C ALA A 365 -22.92 -32.43 -5.54
N ALA A 366 -23.20 -32.29 -4.26
CA ALA A 366 -23.50 -31.01 -3.64
C ALA A 366 -22.31 -30.06 -3.69
N ARG A 367 -21.11 -30.57 -3.44
CA ARG A 367 -19.89 -29.78 -3.51
C ARG A 367 -19.68 -29.20 -4.91
N GLU A 368 -19.87 -29.99 -5.95
CA GLU A 368 -19.72 -29.45 -7.30
C GLU A 368 -20.70 -28.32 -7.50
N GLN A 369 -21.96 -28.56 -7.14
CA GLN A 369 -22.96 -27.52 -7.24
C GLN A 369 -22.58 -26.30 -6.36
N ALA A 370 -22.10 -26.56 -5.15
CA ALA A 370 -21.76 -25.46 -4.24
C ALA A 370 -20.70 -24.58 -4.90
N PHE A 371 -19.72 -25.22 -5.57
CA PHE A 371 -18.66 -24.49 -6.28
C PHE A 371 -19.27 -23.61 -7.37
N ILE A 372 -20.08 -24.23 -8.22
CA ILE A 372 -20.68 -23.56 -9.37
C ILE A 372 -21.54 -22.40 -8.92
N VAL A 373 -22.39 -22.61 -7.90
CA VAL A 373 -23.26 -21.52 -7.42
C VAL A 373 -22.49 -20.41 -6.68
N ALA A 374 -21.49 -20.79 -5.91
CA ALA A 374 -20.58 -19.80 -5.36
C ALA A 374 -20.06 -18.89 -6.46
N GLU A 375 -19.74 -19.46 -7.62
CA GLU A 375 -19.12 -18.66 -8.66
C GLU A 375 -20.14 -17.76 -9.32
N ARG A 376 -21.35 -18.28 -9.52
CA ARG A 376 -22.40 -17.48 -10.15
C ARG A 376 -22.67 -16.30 -9.20
N LEU A 377 -22.82 -16.56 -7.89
CA LEU A 377 -23.16 -15.51 -6.97
C LEU A 377 -22.11 -14.36 -6.98
N ARG A 378 -20.85 -14.74 -7.11
CA ARG A 378 -19.78 -13.76 -7.22
C ARG A 378 -19.87 -13.01 -8.54
N ASP A 379 -20.28 -13.68 -9.61
CA ASP A 379 -20.43 -13.00 -10.91
C ASP A 379 -21.43 -11.86 -10.80
N THR A 380 -22.35 -12.00 -9.86
CA THR A 380 -23.41 -11.01 -9.62
C THR A 380 -22.98 -9.89 -8.72
N GLY A 381 -21.75 -9.91 -8.23
CA GLY A 381 -21.28 -8.87 -7.32
C GLY A 381 -21.39 -9.19 -5.83
N LEU A 382 -21.83 -10.39 -5.48
CA LEU A 382 -21.82 -10.78 -4.07
C LEU A 382 -20.43 -11.23 -3.58
N ASP A 383 -20.20 -11.16 -2.27
CA ASP A 383 -19.02 -11.73 -1.65
C ASP A 383 -19.45 -13.09 -1.05
N VAL A 384 -18.70 -14.14 -1.34
CA VAL A 384 -19.15 -15.50 -1.00
C VAL A 384 -18.00 -16.34 -0.51
N ILE A 385 -18.20 -17.06 0.59
CA ILE A 385 -17.20 -18.02 1.07
C ILE A 385 -17.81 -19.36 0.82
N LEU A 386 -17.01 -20.28 0.26
CA LEU A 386 -17.41 -21.63 -0.01
C LEU A 386 -16.80 -22.48 1.05
N HIS A 387 -17.61 -23.26 1.74
CA HIS A 387 -17.05 -24.06 2.80
C HIS A 387 -16.02 -25.05 2.30
N CYS A 388 -14.83 -24.99 2.90
CA CYS A 388 -13.75 -25.98 2.73
C CYS A 388 -13.25 -26.35 4.13
N SER A 389 -13.00 -27.63 4.36
CA SER A 389 -12.67 -28.10 5.71
C SER A 389 -11.19 -28.20 5.91
N ALA A 390 -10.76 -27.93 7.13
CA ALA A 390 -9.37 -27.99 7.44
C ALA A 390 -8.80 -29.33 7.00
N ASP A 391 -9.54 -30.42 7.25
CA ASP A 391 -8.96 -31.76 7.08
C ASP A 391 -9.28 -32.43 5.73
N GLY A 392 -10.02 -31.74 4.86
CA GLY A 392 -10.29 -32.21 3.50
C GLY A 392 -11.59 -32.98 3.38
N ALA A 393 -11.96 -33.68 4.44
CA ALA A 393 -13.19 -34.49 4.46
C ALA A 393 -14.44 -33.59 4.53
N GLY A 394 -15.55 -34.01 3.95
CA GLY A 394 -16.79 -33.30 4.17
C GLY A 394 -17.03 -33.01 5.65
N ALA A 395 -17.92 -32.06 5.93
CA ALA A 395 -18.13 -31.56 7.31
C ALA A 395 -19.60 -31.60 7.70
N SER A 396 -19.86 -31.58 9.00
CA SER A 396 -21.23 -31.65 9.50
C SER A 396 -21.95 -30.35 9.19
N PHE A 397 -23.25 -30.43 8.93
CA PHE A 397 -24.04 -29.20 8.78
C PHE A 397 -23.86 -28.24 9.98
N LYS A 398 -23.80 -28.76 11.20
CA LYS A 398 -23.73 -27.90 12.38
C LYS A 398 -22.41 -27.13 12.43
N SER A 399 -21.31 -27.82 12.20
CA SER A 399 -20.00 -27.16 12.18
C SER A 399 -19.92 -26.09 11.07
N GLN A 400 -20.44 -26.43 9.89
CA GLN A 400 -20.44 -25.48 8.76
C GLN A 400 -21.27 -24.28 9.11
N MET A 401 -22.39 -24.53 9.75
CA MET A 401 -23.25 -23.43 10.13
C MET A 401 -22.61 -22.54 11.19
N LYS A 402 -21.76 -23.12 12.06
CA LYS A 402 -21.03 -22.32 13.03
C LYS A 402 -20.09 -21.41 12.28
N ARG A 403 -19.40 -21.95 11.28
CA ARG A 403 -18.48 -21.14 10.46
C ARG A 403 -19.27 -20.05 9.71
N ALA A 404 -20.45 -20.42 9.21
CA ALA A 404 -21.29 -19.49 8.53
C ALA A 404 -21.58 -18.30 9.46
N ASP A 405 -22.00 -18.57 10.71
CA ASP A 405 -22.27 -17.51 11.71
C ASP A 405 -21.04 -16.62 11.95
N ALA A 406 -19.94 -17.24 12.37
CA ALA A 406 -18.69 -16.52 12.58
C ALA A 406 -18.23 -15.65 11.39
N SER A 407 -18.57 -16.03 10.18
CA SER A 407 -18.12 -15.29 8.99
C SER A 407 -18.74 -13.89 8.82
N GLY A 408 -19.83 -13.59 9.53
CA GLY A 408 -20.62 -12.40 9.26
C GLY A 408 -21.47 -12.45 8.01
N ALA A 409 -21.61 -13.64 7.40
CA ALA A 409 -22.44 -13.79 6.22
C ALA A 409 -23.87 -13.47 6.57
N ALA A 410 -24.64 -12.95 5.62
CA ALA A 410 -26.07 -12.70 5.83
C ALA A 410 -26.92 -13.90 5.53
N PHE A 411 -26.46 -14.77 4.62
CA PHE A 411 -27.22 -15.99 4.32
C PHE A 411 -26.31 -17.19 4.31
N ALA A 412 -26.86 -18.34 4.68
CA ALA A 412 -26.23 -19.61 4.38
C ALA A 412 -27.01 -20.16 3.21
N VAL A 413 -26.30 -20.52 2.14
CA VAL A 413 -26.90 -21.25 1.04
C VAL A 413 -26.44 -22.69 1.17
N ILE A 414 -27.40 -23.63 1.24
CA ILE A 414 -27.14 -24.98 1.69
C ILE A 414 -27.46 -26.00 0.63
N PHE A 415 -26.52 -26.93 0.39
CA PHE A 415 -26.74 -28.00 -0.57
C PHE A 415 -26.44 -29.34 0.05
N GLY A 416 -27.46 -30.16 0.17
CA GLY A 416 -27.33 -31.58 0.49
C GLY A 416 -27.87 -32.40 -0.67
N GLU A 417 -28.11 -33.70 -0.45
CA GLU A 417 -28.51 -34.61 -1.53
C GLU A 417 -29.88 -34.22 -2.05
N ASP A 418 -30.81 -33.91 -1.16
CA ASP A 418 -32.15 -33.53 -1.61
C ASP A 418 -32.09 -32.35 -2.55
N GLU A 419 -31.36 -31.31 -2.13
CA GLU A 419 -31.22 -30.08 -2.92
C GLU A 419 -30.68 -30.34 -4.34
N VAL A 420 -29.64 -31.16 -4.42
CA VAL A 420 -29.05 -31.53 -5.71
C VAL A 420 -30.07 -32.21 -6.61
N THR A 421 -30.75 -33.22 -6.06
CA THR A 421 -31.76 -33.98 -6.77
C THR A 421 -32.96 -33.15 -7.20
N ASN A 422 -33.48 -32.32 -6.29
CA ASN A 422 -34.64 -31.49 -6.59
C ASN A 422 -34.31 -30.28 -7.44
N GLY A 423 -33.02 -29.93 -7.55
CA GLY A 423 -32.61 -28.73 -8.26
C GLY A 423 -32.89 -27.46 -7.48
N THR A 424 -32.74 -27.54 -6.16
CA THR A 424 -33.01 -26.41 -5.33
C THR A 424 -31.76 -25.99 -4.59
N ALA A 425 -31.88 -24.85 -3.91
CA ALA A 425 -30.92 -24.41 -2.91
C ALA A 425 -31.70 -24.01 -1.65
N SER A 426 -31.19 -24.41 -0.49
CA SER A 426 -31.88 -24.14 0.75
C SER A 426 -31.21 -22.92 1.34
N VAL A 427 -31.97 -21.84 1.54
CA VAL A 427 -31.42 -20.57 2.00
C VAL A 427 -31.87 -20.24 3.42
N LYS A 428 -30.92 -20.02 4.31
CA LYS A 428 -31.21 -19.61 5.67
C LYS A 428 -30.64 -18.23 6.01
N PRO A 429 -31.50 -17.23 6.25
CA PRO A 429 -31.02 -15.94 6.74
C PRO A 429 -30.29 -16.07 8.05
N LEU A 430 -29.20 -15.35 8.20
CA LEU A 430 -28.47 -15.31 9.45
C LEU A 430 -28.48 -13.85 9.88
N SER A 440 -35.42 -15.49 10.70
CA SER A 440 -36.45 -16.20 9.93
C SER A 440 -36.19 -17.74 9.82
N VAL A 441 -36.78 -18.37 8.80
CA VAL A 441 -36.72 -19.83 8.62
C VAL A 441 -36.04 -20.22 7.30
N GLN A 442 -35.43 -21.40 7.30
CA GLN A 442 -34.75 -21.97 6.14
C GLN A 442 -35.74 -22.19 4.98
N GLN A 443 -35.40 -21.73 3.78
CA GLN A 443 -36.36 -21.76 2.67
C GLN A 443 -35.81 -22.40 1.40
N SER A 444 -36.60 -23.25 0.76
CA SER A 444 -36.23 -23.86 -0.52
C SER A 444 -36.52 -22.93 -1.67
N VAL A 445 -35.59 -22.86 -2.62
CA VAL A 445 -35.67 -21.95 -3.75
C VAL A 445 -35.14 -22.72 -4.96
N PRO A 446 -35.82 -22.61 -6.12
CA PRO A 446 -35.22 -23.24 -7.31
C PRO A 446 -33.88 -22.61 -7.57
N VAL A 447 -32.88 -23.45 -7.83
CA VAL A 447 -31.51 -22.94 -7.94
C VAL A 447 -31.38 -21.87 -9.02
N GLU A 448 -32.12 -22.03 -10.10
CA GLU A 448 -32.17 -21.01 -11.16
C GLU A 448 -32.71 -19.63 -10.74
N SER A 449 -33.25 -19.51 -9.52
CA SER A 449 -33.84 -18.28 -9.01
C SER A 449 -33.12 -17.74 -7.80
N LEU A 450 -32.09 -18.46 -7.35
CA LEU A 450 -31.37 -18.09 -6.13
C LEU A 450 -30.90 -16.65 -6.18
N THR A 451 -30.47 -16.20 -7.35
CA THR A 451 -29.91 -14.86 -7.45
C THR A 451 -30.97 -13.81 -7.16
N GLU A 452 -32.09 -13.90 -7.88
CA GLU A 452 -33.22 -13.00 -7.65
C GLU A 452 -33.66 -13.12 -6.19
N PHE A 453 -33.75 -14.34 -5.67
CA PHE A 453 -34.14 -14.52 -4.28
C PHE A 453 -33.24 -13.73 -3.34
N LEU A 454 -31.93 -13.88 -3.50
CA LEU A 454 -31.01 -13.26 -2.57
C LEU A 454 -31.05 -11.74 -2.72
N ILE A 455 -31.00 -11.25 -3.96
CA ILE A 455 -31.06 -9.79 -4.19
C ILE A 455 -32.28 -9.20 -3.49
N ASN A 456 -33.46 -9.73 -3.83
CA ASN A 456 -34.71 -9.34 -3.20
C ASN A 456 -34.61 -9.29 -1.68
N ALA A 457 -34.11 -10.36 -1.09
CA ALA A 457 -34.03 -10.45 0.36
C ALA A 457 -33.09 -9.40 0.97
N MET A 458 -32.08 -8.92 0.23
CA MET A 458 -31.18 -7.86 0.72
C MET A 458 -31.79 -6.47 0.58
N VAL A 459 -32.86 -6.34 -0.20
CA VAL A 459 -33.69 -5.14 -0.20
C VAL A 459 -34.17 -4.77 1.21
N ALA A 460 -34.60 -5.77 2.00
CA ALA A 460 -35.00 -5.59 3.43
C ALA A 460 -35.05 -4.13 3.92
N LEU B 29 27.04 20.64 -7.81
CA LEU B 29 26.25 19.85 -6.80
C LEU B 29 25.54 18.65 -7.46
N GLU B 30 25.96 17.44 -7.08
CA GLU B 30 25.64 16.19 -7.81
C GLU B 30 24.21 15.57 -7.59
N LYS B 31 23.48 15.35 -8.69
CA LYS B 31 22.18 14.63 -8.68
C LYS B 31 22.36 13.18 -8.22
N LEU B 32 21.36 12.66 -7.52
CA LEU B 32 21.34 11.28 -7.00
C LEU B 32 20.37 10.45 -7.82
N THR B 33 20.63 9.14 -7.91
CA THR B 33 19.91 8.27 -8.85
C THR B 33 19.15 7.17 -8.15
N GLY B 34 18.09 6.71 -8.80
CA GLY B 34 17.30 5.63 -8.25
C GLY B 34 18.12 4.37 -8.36
N VAL B 35 18.17 3.59 -7.29
CA VAL B 35 18.73 2.24 -7.36
C VAL B 35 18.32 1.55 -8.65
N LYS B 36 19.31 1.03 -9.36
CA LYS B 36 19.04 0.33 -10.62
C LYS B 36 18.12 -0.88 -10.34
N GLY B 37 17.08 -1.04 -11.15
CA GLY B 37 16.16 -2.19 -11.01
C GLY B 37 15.06 -1.98 -9.98
N MET B 38 14.98 -0.74 -9.48
CA MET B 38 13.94 -0.33 -8.55
C MET B 38 13.27 0.92 -9.10
N ASN B 39 12.23 0.71 -9.89
CA ASN B 39 11.56 1.78 -10.59
C ASN B 39 10.63 2.61 -9.73
N ASP B 40 10.53 3.89 -10.02
CA ASP B 40 9.55 4.71 -9.39
C ASP B 40 8.28 4.46 -10.11
N ILE B 41 7.17 4.62 -9.40
CA ILE B 41 5.87 4.61 -10.06
C ILE B 41 5.37 6.04 -9.99
N LEU B 42 5.17 6.64 -11.15
CA LEU B 42 4.86 8.06 -11.23
C LEU B 42 3.38 8.26 -11.48
N PRO B 43 2.91 9.50 -11.33
CA PRO B 43 1.48 9.71 -11.54
C PRO B 43 0.93 9.14 -12.84
N GLN B 44 1.64 9.29 -13.94
CA GLN B 44 1.11 8.80 -15.22
C GLN B 44 0.99 7.26 -15.30
N ASP B 45 1.68 6.53 -14.44
CA ASP B 45 1.49 5.07 -14.34
C ASP B 45 0.50 4.64 -13.24
N ALA B 46 0.22 5.54 -12.28
CA ALA B 46 -0.53 5.21 -11.09
C ALA B 46 -1.92 4.63 -11.37
N GLY B 47 -2.68 5.29 -12.23
CA GLY B 47 -3.98 4.77 -12.63
C GLY B 47 -3.96 3.29 -13.02
N LEU B 48 -2.94 2.87 -13.76
CA LEU B 48 -2.84 1.48 -14.21
C LEU B 48 -2.64 0.56 -13.01
N TRP B 49 -1.78 0.96 -12.08
CA TRP B 49 -1.64 0.23 -10.81
C TRP B 49 -2.91 0.23 -10.02
N GLU B 50 -3.59 1.38 -9.99
CA GLU B 50 -4.81 1.52 -9.18
C GLU B 50 -5.92 0.61 -9.67
N PHE B 51 -6.00 0.49 -10.99
CA PHE B 51 -6.97 -0.39 -11.65
C PHE B 51 -6.70 -1.86 -11.26
N PHE B 52 -5.43 -2.25 -11.31
CA PHE B 52 -5.07 -3.61 -11.02
C PHE B 52 -5.36 -3.89 -9.58
N GLU B 53 -4.84 -3.03 -8.71
CA GLU B 53 -5.09 -3.18 -7.27
C GLU B 53 -6.58 -3.21 -6.91
N ALA B 54 -7.36 -2.27 -7.41
CA ALA B 54 -8.77 -2.31 -7.13
C ALA B 54 -9.41 -3.61 -7.62
N THR B 55 -9.11 -4.04 -8.85
CA THR B 55 -9.73 -5.23 -9.39
C THR B 55 -9.43 -6.45 -8.55
N VAL B 56 -8.16 -6.68 -8.25
CA VAL B 56 -7.83 -7.88 -7.53
C VAL B 56 -8.31 -7.82 -6.09
N LYS B 57 -8.26 -6.65 -5.45
CA LYS B 57 -8.70 -6.55 -4.04
C LYS B 57 -10.19 -6.87 -3.88
N SER B 58 -10.95 -6.45 -4.87
CA SER B 58 -12.35 -6.75 -4.92
C SER B 58 -12.60 -8.25 -5.10
N LEU B 59 -11.81 -8.89 -5.96
CA LEU B 59 -11.95 -10.34 -6.17
C LEU B 59 -11.62 -11.07 -4.89
N LEU B 60 -10.60 -10.58 -4.17
CA LEU B 60 -10.15 -11.25 -2.98
C LEU B 60 -11.22 -11.19 -1.87
N ARG B 61 -11.81 -10.04 -1.62
CA ARG B 61 -13.02 -9.93 -0.79
C ARG B 61 -14.13 -10.91 -1.21
N ALA B 62 -14.34 -11.03 -2.52
CA ALA B 62 -15.42 -11.83 -3.05
C ALA B 62 -15.25 -13.30 -2.71
N TYR B 63 -14.04 -13.75 -2.34
CA TYR B 63 -13.80 -15.13 -1.88
C TYR B 63 -13.61 -15.25 -0.38
N GLY B 64 -13.61 -14.13 0.35
CA GLY B 64 -13.54 -14.18 1.81
C GLY B 64 -12.13 -14.11 2.31
N TYR B 65 -11.20 -13.77 1.44
CA TYR B 65 -9.79 -13.68 1.79
C TYR B 65 -9.56 -12.36 2.51
N GLN B 66 -8.63 -12.34 3.45
CA GLN B 66 -8.45 -11.23 4.35
C GLN B 66 -7.00 -10.86 4.43
N ASN B 67 -6.77 -9.54 4.51
CA ASN B 67 -5.44 -8.99 4.36
C ASN B 67 -4.56 -9.34 5.56
N ILE B 68 -3.33 -9.70 5.28
CA ILE B 68 -2.24 -9.75 6.28
C ILE B 68 -1.07 -8.99 5.66
N ARG B 69 -0.43 -8.14 6.47
CA ARG B 69 0.75 -7.38 6.02
C ARG B 69 1.91 -7.68 6.94
N THR B 70 2.92 -8.34 6.40
CA THR B 70 4.13 -8.67 7.15
C THR B 70 5.22 -7.67 6.79
N PRO B 71 6.32 -7.63 7.57
CA PRO B 71 7.25 -6.52 7.34
C PRO B 71 8.12 -6.70 6.17
N ILE B 72 8.78 -5.63 5.77
CA ILE B 72 9.63 -5.67 4.61
C ILE B 72 10.89 -6.46 4.91
N VAL B 73 11.33 -6.42 6.16
CA VAL B 73 12.45 -7.24 6.57
C VAL B 73 12.04 -8.30 7.57
N GLU B 74 12.74 -9.42 7.51
CA GLU B 74 12.61 -10.50 8.48
C GLU B 74 14.00 -11.00 8.81
N HIS B 75 14.10 -11.82 9.85
CA HIS B 75 15.36 -12.47 10.15
C HIS B 75 15.73 -13.44 9.04
N THR B 76 16.99 -13.40 8.64
CA THR B 76 17.45 -14.11 7.45
C THR B 76 17.18 -15.61 7.49
N PRO B 77 17.29 -16.19 8.70
CA PRO B 77 17.11 -17.64 8.73
C PRO B 77 15.73 -18.07 8.23
N LEU B 78 14.72 -17.18 8.32
CA LEU B 78 13.36 -17.48 7.77
C LEU B 78 13.41 -17.95 6.30
N PHE B 79 14.17 -17.25 5.50
CA PHE B 79 14.22 -17.53 4.06
C PHE B 79 15.15 -18.71 3.71
N THR B 80 16.18 -18.89 4.52
CA THR B 80 17.08 -20.03 4.39
C THR B 80 16.35 -21.35 4.63
N ARG B 81 15.37 -21.34 5.53
CA ARG B 81 14.64 -22.55 5.90
C ARG B 81 13.37 -22.74 5.11
N ASP B 88 18.91 -21.02 -6.00
CA ASP B 88 19.28 -19.74 -6.59
C ASP B 88 18.81 -18.55 -5.75
N ILE B 89 17.54 -18.58 -5.31
CA ILE B 89 16.98 -17.49 -4.51
C ILE B 89 17.78 -17.26 -3.23
N VAL B 90 17.85 -18.28 -2.37
CA VAL B 90 18.53 -18.13 -1.08
C VAL B 90 20.05 -17.99 -1.27
N GLU B 91 20.57 -18.66 -2.30
CA GLU B 91 22.00 -18.66 -2.55
C GLU B 91 22.46 -17.25 -2.98
N LYS B 92 22.09 -16.84 -4.19
CA LYS B 92 22.61 -15.58 -4.75
C LYS B 92 21.72 -14.36 -4.43
N GLU B 93 20.40 -14.59 -4.43
CA GLU B 93 19.44 -13.57 -4.87
C GLU B 93 18.81 -12.70 -3.77
N MET B 94 19.15 -12.88 -2.51
CA MET B 94 18.56 -12.06 -1.45
C MET B 94 19.42 -10.88 -1.04
N TYR B 95 18.78 -9.77 -0.69
CA TYR B 95 19.46 -8.64 -0.07
C TYR B 95 19.48 -8.90 1.43
N SER B 96 20.61 -9.38 1.92
CA SER B 96 20.78 -9.61 3.35
C SER B 96 21.82 -8.62 3.90
N PHE B 97 21.74 -8.35 5.18
CA PHE B 97 22.71 -7.45 5.82
C PHE B 97 22.65 -7.59 7.32
N VAL B 98 23.56 -6.94 8.04
CA VAL B 98 23.65 -7.07 9.49
C VAL B 98 23.32 -5.73 10.14
N ASP B 99 22.43 -5.79 11.13
CA ASP B 99 21.93 -4.62 11.84
C ASP B 99 23.08 -4.00 12.66
N ALA B 100 23.32 -2.71 12.45
CA ALA B 100 24.39 -1.96 13.11
C ALA B 100 24.18 -1.75 14.63
N LEU B 101 22.94 -1.61 15.08
CA LEU B 101 22.63 -1.39 16.50
C LEU B 101 22.72 -2.68 17.33
N ASN B 102 22.10 -3.74 16.82
CA ASN B 102 21.85 -5.00 17.56
C ASN B 102 22.65 -6.17 17.02
N GLY B 103 23.33 -5.99 15.91
CA GLY B 103 24.04 -7.09 15.27
C GLY B 103 23.21 -8.19 14.62
N GLU B 104 21.87 -8.13 14.65
CA GLU B 104 21.01 -9.23 14.14
C GLU B 104 21.03 -9.34 12.59
N ASN B 105 20.86 -10.55 12.07
CA ASN B 105 20.90 -10.76 10.61
C ASN B 105 19.50 -10.56 9.93
N LEU B 106 19.44 -9.64 8.96
CA LEU B 106 18.18 -9.19 8.37
C LEU B 106 18.23 -9.31 6.86
N THR B 107 17.06 -9.54 6.28
CA THR B 107 16.92 -9.69 4.85
C THR B 107 15.65 -8.99 4.36
N LEU B 108 15.76 -8.29 3.23
CA LEU B 108 14.57 -7.79 2.54
C LEU B 108 13.86 -8.98 1.92
N ARG B 109 12.60 -9.14 2.27
CA ARG B 109 11.82 -10.28 1.82
C ARG B 109 11.90 -10.44 0.31
N PRO B 110 12.20 -11.67 -0.14
CA PRO B 110 12.19 -12.01 -1.56
C PRO B 110 10.87 -12.59 -2.02
N GLU B 111 9.93 -12.70 -1.09
CA GLU B 111 8.80 -13.61 -1.22
C GLU B 111 7.98 -13.40 0.04
N ASN B 112 6.71 -13.81 0.09
CA ASN B 112 5.88 -13.59 1.32
C ASN B 112 5.28 -14.85 1.98
N THR B 113 5.30 -16.00 1.32
CA THR B 113 4.69 -17.19 1.92
C THR B 113 5.32 -17.57 3.30
N ALA B 114 6.64 -17.59 3.40
CA ALA B 114 7.29 -17.97 4.67
C ALA B 114 6.99 -16.98 5.79
N ALA B 115 6.94 -15.70 5.44
CA ALA B 115 6.62 -14.69 6.42
C ALA B 115 5.15 -14.82 6.91
N VAL B 116 4.25 -15.27 6.02
CA VAL B 116 2.86 -15.47 6.42
C VAL B 116 2.81 -16.61 7.42
N VAL B 117 3.47 -17.69 7.03
CA VAL B 117 3.62 -18.80 7.95
C VAL B 117 4.22 -18.37 9.28
N ARG B 118 5.25 -17.54 9.25
CA ARG B 118 5.87 -17.00 10.47
C ARG B 118 4.89 -16.21 11.37
N ALA B 119 4.06 -15.36 10.76
CA ALA B 119 3.05 -14.66 11.54
C ALA B 119 1.97 -15.60 12.02
N ALA B 120 1.59 -16.56 11.18
CA ALA B 120 0.49 -17.45 11.60
C ALA B 120 0.91 -18.18 12.86
N ILE B 121 2.18 -18.61 12.89
CA ILE B 121 2.70 -19.34 14.03
C ILE B 121 2.90 -18.39 15.21
N GLU B 122 3.54 -17.27 14.96
CA GLU B 122 3.81 -16.32 16.03
C GLU B 122 2.54 -15.85 16.71
N HIS B 123 1.47 -15.64 15.95
CA HIS B 123 0.23 -15.08 16.54
C HIS B 123 -0.88 -16.08 16.78
N ASN B 124 -0.59 -17.37 16.60
CA ASN B 124 -1.55 -18.43 16.92
C ASN B 124 -2.84 -18.31 16.08
N MET B 125 -2.65 -18.00 14.80
CA MET B 125 -3.78 -17.70 13.92
C MET B 125 -4.65 -18.92 13.61
N LEU B 126 -4.07 -20.13 13.65
CA LEU B 126 -4.83 -21.31 13.27
C LEU B 126 -5.55 -22.02 14.44
N TYR B 127 -5.53 -21.39 15.62
CA TYR B 127 -6.10 -22.01 16.81
C TYR B 127 -7.59 -22.27 16.58
N ASP B 128 -8.30 -21.31 16.02
CA ASP B 128 -9.75 -21.41 15.84
C ASP B 128 -10.13 -21.86 14.43
N GLY B 129 -9.17 -22.35 13.64
CA GLY B 129 -9.45 -22.90 12.32
C GLY B 129 -8.61 -22.34 11.21
N PRO B 130 -8.84 -22.81 9.99
CA PRO B 130 -8.06 -22.38 8.83
C PRO B 130 -8.32 -20.93 8.46
N LYS B 131 -7.45 -20.37 7.64
CA LYS B 131 -7.47 -18.94 7.35
C LYS B 131 -7.24 -18.69 5.88
N ARG B 132 -8.08 -17.84 5.29
CA ARG B 132 -7.88 -17.40 3.92
C ARG B 132 -7.17 -16.05 3.91
N LEU B 133 -5.92 -16.02 3.50
CA LEU B 133 -5.11 -14.78 3.57
C LEU B 133 -4.65 -14.25 2.21
N TRP B 134 -4.67 -12.92 2.06
CA TRP B 134 -4.00 -12.30 0.93
C TRP B 134 -3.04 -11.20 1.34
N TYR B 135 -2.10 -10.90 0.43
CA TYR B 135 -1.10 -9.88 0.69
C TYR B 135 -0.73 -9.19 -0.60
N ILE B 136 -0.24 -7.95 -0.45
CA ILE B 136 0.26 -7.19 -1.58
C ILE B 136 1.40 -6.27 -1.12
N GLY B 137 2.47 -6.23 -1.90
CA GLY B 137 3.58 -5.36 -1.56
C GLY B 137 4.84 -5.67 -2.32
N PRO B 138 5.90 -4.92 -2.03
CA PRO B 138 7.16 -5.09 -2.73
C PRO B 138 7.97 -6.24 -2.18
N MET B 139 8.68 -6.89 -3.10
CA MET B 139 9.62 -7.97 -2.84
C MET B 139 10.96 -7.64 -3.50
N PHE B 140 12.04 -8.28 -3.06
CA PHE B 140 13.40 -7.91 -3.49
C PHE B 140 14.25 -9.07 -3.95
N ARG B 141 14.94 -8.90 -5.07
CA ARG B 141 15.79 -9.94 -5.67
C ARG B 141 17.12 -9.33 -6.12
N HIS B 142 18.22 -9.84 -5.55
CA HIS B 142 19.60 -9.37 -5.81
C HIS B 142 20.16 -9.92 -7.12
N GLU B 143 20.65 -9.04 -7.99
CA GLU B 143 20.92 -9.41 -9.39
C GLU B 143 21.49 -8.21 -10.16
N ARG B 149 14.38 -8.54 -14.65
CA ARG B 149 14.81 -7.14 -14.82
C ARG B 149 14.54 -6.26 -13.57
N TYR B 150 13.66 -6.70 -12.66
CA TYR B 150 13.31 -5.87 -11.47
C TYR B 150 13.96 -6.41 -10.19
N ARG B 151 14.82 -5.61 -9.58
CA ARG B 151 15.38 -5.93 -8.27
C ARG B 151 14.38 -5.58 -7.14
N GLN B 152 13.61 -4.50 -7.30
CA GLN B 152 12.38 -4.31 -6.51
C GLN B 152 11.22 -4.63 -7.41
N PHE B 153 10.36 -5.55 -7.00
CA PHE B 153 9.16 -5.85 -7.77
C PHE B 153 8.00 -6.06 -6.81
N HIS B 154 6.80 -6.26 -7.36
CA HIS B 154 5.60 -6.31 -6.54
C HIS B 154 4.77 -7.55 -6.79
N GLN B 155 4.24 -8.09 -5.68
CA GLN B 155 3.42 -9.27 -5.74
C GLN B 155 2.11 -8.99 -5.09
N VAL B 156 1.10 -9.64 -5.64
CA VAL B 156 -0.12 -9.92 -4.87
C VAL B 156 -0.20 -11.44 -4.77
N GLY B 157 -0.63 -11.93 -3.61
CA GLY B 157 -0.71 -13.36 -3.42
C GLY B 157 -1.70 -13.77 -2.36
N VAL B 158 -2.01 -15.07 -2.36
CA VAL B 158 -2.93 -15.64 -1.39
C VAL B 158 -2.26 -16.84 -0.72
N GLU B 159 -2.64 -17.08 0.53
CA GLU B 159 -2.33 -18.33 1.19
C GLU B 159 -3.61 -18.87 1.82
N ALA B 160 -3.95 -20.11 1.49
CA ALA B 160 -5.03 -20.83 2.18
C ALA B 160 -4.35 -21.70 3.22
N LEU B 161 -4.31 -21.20 4.47
CA LEU B 161 -3.56 -21.87 5.54
C LEU B 161 -4.47 -22.80 6.31
N GLY B 162 -4.06 -24.05 6.48
CA GLY B 162 -4.84 -25.04 7.23
C GLY B 162 -5.82 -25.89 6.45
N PHE B 163 -5.85 -25.76 5.13
CA PHE B 163 -6.79 -26.52 4.33
C PHE B 163 -6.02 -27.64 3.65
N ALA B 164 -6.47 -28.87 3.80
CA ALA B 164 -5.81 -30.01 3.16
C ALA B 164 -6.01 -30.06 1.66
N GLY B 165 -7.16 -29.55 1.23
CA GLY B 165 -7.54 -29.62 -0.17
C GLY B 165 -7.96 -31.02 -0.53
N PRO B 166 -8.13 -31.27 -1.82
CA PRO B 166 -7.87 -30.40 -2.95
C PRO B 166 -8.95 -29.34 -3.27
N ASP B 167 -10.02 -29.25 -2.46
CA ASP B 167 -10.98 -28.16 -2.67
C ASP B 167 -10.31 -26.77 -2.62
N ALA B 168 -9.50 -26.51 -1.60
CA ALA B 168 -8.92 -25.19 -1.49
C ALA B 168 -8.04 -24.94 -2.72
N ASP B 169 -7.26 -25.97 -3.13
CA ASP B 169 -6.45 -25.88 -4.36
C ASP B 169 -7.28 -25.39 -5.55
N ALA B 170 -8.42 -26.03 -5.77
CA ALA B 170 -9.32 -25.63 -6.87
C ALA B 170 -9.72 -24.15 -6.74
N GLU B 171 -10.12 -23.78 -5.53
CA GLU B 171 -10.57 -22.43 -5.28
C GLU B 171 -9.51 -21.44 -5.72
N ILE B 172 -8.27 -21.62 -5.27
CA ILE B 172 -7.30 -20.58 -5.49
C ILE B 172 -6.92 -20.51 -6.95
N VAL B 173 -6.96 -21.65 -7.64
CA VAL B 173 -6.69 -21.66 -9.08
C VAL B 173 -7.78 -20.86 -9.74
N MET B 174 -8.99 -21.06 -9.28
CA MET B 174 -10.15 -20.39 -9.87
C MET B 174 -10.13 -18.88 -9.63
N MET B 175 -9.59 -18.47 -8.48
CA MET B 175 -9.42 -17.06 -8.24
C MET B 175 -8.60 -16.41 -9.36
N CYS B 176 -7.54 -17.07 -9.82
CA CYS B 176 -6.67 -16.54 -10.90
C CYS B 176 -7.47 -16.39 -12.15
N GLN B 177 -8.27 -17.39 -12.49
CA GLN B 177 -9.02 -17.31 -13.75
C GLN B 177 -9.97 -16.11 -13.77
N ARG B 178 -10.68 -15.95 -12.68
CA ARG B 178 -11.56 -14.79 -12.54
C ARG B 178 -10.82 -13.49 -12.68
N LEU B 179 -9.62 -13.38 -12.11
CA LEU B 179 -8.85 -12.12 -12.25
C LEU B 179 -8.60 -11.81 -13.71
N TRP B 180 -8.24 -12.79 -14.53
CA TRP B 180 -7.97 -12.49 -15.94
C TRP B 180 -9.21 -11.98 -16.62
N GLU B 181 -10.35 -12.58 -16.32
CA GLU B 181 -11.59 -12.16 -16.92
C GLU B 181 -11.91 -10.73 -16.52
N ASP B 182 -11.88 -10.47 -15.22
CA ASP B 182 -12.13 -9.14 -14.70
C ASP B 182 -11.17 -8.10 -15.26
N LEU B 183 -9.93 -8.49 -15.57
CA LEU B 183 -8.94 -7.52 -16.04
C LEU B 183 -9.11 -7.31 -17.52
N GLY B 184 -9.77 -8.25 -18.18
CA GLY B 184 -9.91 -8.19 -19.64
C GLY B 184 -8.86 -8.98 -20.42
N LEU B 185 -7.92 -9.63 -19.72
CA LEU B 185 -6.88 -10.40 -20.41
C LEU B 185 -7.39 -11.73 -20.94
N THR B 186 -6.93 -12.07 -22.14
CA THR B 186 -7.30 -13.31 -22.79
C THR B 186 -6.03 -14.12 -23.09
N GLY B 187 -6.22 -15.39 -23.44
CA GLY B 187 -5.10 -16.24 -23.77
C GLY B 187 -4.13 -16.51 -22.64
N ILE B 188 -4.63 -16.62 -21.39
CA ILE B 188 -3.83 -17.07 -20.26
C ILE B 188 -4.27 -18.49 -19.90
N LYS B 189 -3.32 -19.42 -19.78
CA LYS B 189 -3.64 -20.85 -19.77
C LYS B 189 -3.07 -21.45 -18.51
N LEU B 190 -3.75 -22.47 -18.00
CA LEU B 190 -3.37 -23.08 -16.74
C LEU B 190 -2.58 -24.35 -17.03
N GLU B 191 -1.43 -24.49 -16.41
CA GLU B 191 -0.76 -25.80 -16.38
C GLU B 191 -0.64 -26.23 -14.93
N ILE B 192 -0.86 -27.52 -14.70
CA ILE B 192 -0.79 -28.09 -13.37
C ILE B 192 0.21 -29.27 -13.32
N ASN B 193 0.55 -29.71 -12.13
CA ASN B 193 1.45 -30.79 -11.95
C ASN B 193 1.41 -31.16 -10.50
N SER B 194 1.89 -32.35 -10.15
CA SER B 194 2.03 -32.72 -8.75
C SER B 194 3.49 -32.98 -8.50
N LEU B 195 3.98 -32.59 -7.33
CA LEU B 195 5.29 -32.95 -6.92
C LEU B 195 5.23 -34.11 -5.95
N GLY B 196 4.05 -34.66 -5.73
CA GLY B 196 3.90 -35.79 -4.83
C GLY B 196 4.52 -35.53 -3.46
N LEU B 197 4.91 -36.60 -2.78
CA LEU B 197 5.62 -36.50 -1.49
C LEU B 197 7.10 -36.77 -1.70
N ALA B 198 7.89 -36.60 -0.63
CA ALA B 198 9.35 -36.80 -0.70
C ALA B 198 9.80 -38.17 -1.24
N GLU B 199 9.26 -39.25 -0.67
CA GLU B 199 9.64 -40.61 -1.03
C GLU B 199 9.33 -40.90 -2.52
N GLU B 200 8.23 -40.33 -3.02
CA GLU B 200 7.84 -40.52 -4.39
C GLU B 200 8.79 -39.74 -5.28
N ARG B 201 9.14 -38.55 -4.83
CA ARG B 201 10.07 -37.71 -5.55
C ARG B 201 11.39 -38.47 -5.69
N ALA B 202 11.81 -39.10 -4.58
CA ALA B 202 13.06 -39.84 -4.53
C ALA B 202 13.04 -41.04 -5.48
N ALA B 203 11.98 -41.82 -5.40
CA ALA B 203 11.85 -43.01 -6.24
C ALA B 203 11.90 -42.63 -7.72
N HIS B 204 11.27 -41.53 -8.08
CA HIS B 204 11.27 -41.06 -9.46
C HIS B 204 12.68 -40.77 -9.89
N ARG B 205 13.45 -40.07 -9.05
CA ARG B 205 14.87 -39.76 -9.32
C ARG B 205 15.63 -41.02 -9.78
N VAL B 206 15.51 -42.08 -9.01
CA VAL B 206 16.18 -43.30 -9.36
C VAL B 206 15.94 -43.65 -10.82
N GLU B 207 14.68 -43.82 -11.23
CA GLU B 207 14.41 -44.35 -12.58
C GLU B 207 14.80 -43.33 -13.65
N LEU B 208 14.80 -42.05 -13.28
CA LEU B 208 15.20 -40.99 -14.21
C LEU B 208 16.68 -41.15 -14.47
N ILE B 209 17.45 -41.32 -13.41
CA ILE B 209 18.89 -41.49 -13.58
C ILE B 209 19.15 -42.79 -14.35
N LYS B 210 18.50 -43.88 -13.94
CA LYS B 210 18.59 -45.15 -14.68
C LYS B 210 18.28 -44.92 -16.18
N TYR B 211 17.25 -44.12 -16.47
CA TYR B 211 16.89 -43.82 -17.86
C TYR B 211 17.93 -42.94 -18.54
N LEU B 212 18.35 -41.87 -17.86
CA LEU B 212 19.27 -40.92 -18.44
C LEU B 212 20.61 -41.63 -18.72
N GLU B 213 21.03 -42.47 -17.77
CA GLU B 213 22.25 -43.30 -17.93
C GLU B 213 22.24 -44.09 -19.23
N GLN B 214 21.09 -44.59 -19.67
CA GLN B 214 20.98 -45.34 -20.94
C GLN B 214 21.23 -44.50 -22.20
N HIS B 215 21.40 -43.18 -22.08
CA HIS B 215 21.63 -42.33 -23.26
C HIS B 215 22.90 -41.49 -23.12
N ALA B 216 24.00 -42.06 -23.61
CA ALA B 216 25.31 -41.40 -23.73
C ALA B 216 25.36 -40.59 -25.04
N ASP B 217 24.74 -39.39 -25.00
CA ASP B 217 24.47 -38.59 -26.21
C ASP B 217 24.67 -37.11 -25.95
N GLN B 224 27.17 -35.11 -19.72
CA GLN B 224 27.09 -36.15 -18.68
C GLN B 224 27.29 -35.62 -17.25
N ARG B 225 27.81 -34.40 -17.10
CA ARG B 225 28.12 -33.85 -15.78
C ARG B 225 26.88 -33.82 -14.87
N ARG B 226 25.76 -33.37 -15.42
CA ARG B 226 24.54 -33.10 -14.64
C ARG B 226 23.66 -34.35 -14.38
N LEU B 227 23.91 -35.45 -15.09
CA LEU B 227 23.07 -36.66 -14.96
C LEU B 227 22.94 -37.11 -13.53
N TYR B 228 24.07 -37.24 -12.82
CA TYR B 228 24.05 -37.69 -11.42
C TYR B 228 23.74 -36.58 -10.40
N THR B 229 23.87 -35.31 -10.80
CA THR B 229 23.92 -34.20 -9.82
C THR B 229 22.58 -33.46 -9.68
N ASN B 230 22.07 -32.94 -10.79
CA ASN B 230 20.72 -32.38 -10.86
C ASN B 230 20.08 -32.84 -12.15
N PRO B 231 19.60 -34.11 -12.19
CA PRO B 231 19.03 -34.67 -13.43
C PRO B 231 17.74 -33.99 -13.90
N LEU B 232 16.98 -33.42 -12.97
CA LEU B 232 15.79 -32.66 -13.36
C LEU B 232 16.16 -31.50 -14.28
N ARG B 233 17.30 -30.87 -14.02
CA ARG B 233 17.80 -29.78 -14.88
C ARG B 233 18.23 -30.28 -16.29
N VAL B 234 18.43 -31.58 -16.47
CA VAL B 234 18.73 -32.16 -17.79
C VAL B 234 17.50 -32.27 -18.69
N LEU B 235 16.29 -32.27 -18.11
CA LEU B 235 15.03 -32.12 -18.86
C LEU B 235 14.57 -30.65 -18.91
N PRO B 240 16.74 -29.54 -28.93
CA PRO B 240 17.75 -30.21 -29.75
C PRO B 240 17.30 -31.59 -30.30
N ALA B 241 18.25 -32.46 -30.65
CA ALA B 241 17.97 -33.90 -30.87
C ALA B 241 17.68 -34.64 -29.54
N LEU B 242 17.89 -33.94 -28.40
CA LEU B 242 17.69 -34.48 -27.06
C LEU B 242 16.22 -34.43 -26.62
N GLN B 243 15.37 -33.81 -27.43
CA GLN B 243 13.94 -33.66 -27.09
C GLN B 243 13.22 -35.01 -27.03
N GLU B 244 13.42 -35.85 -28.04
CA GLU B 244 12.76 -37.17 -28.09
C GLU B 244 13.11 -38.01 -26.83
N ILE B 245 14.34 -37.88 -26.34
CA ILE B 245 14.76 -38.53 -25.08
C ILE B 245 14.02 -37.96 -23.87
N VAL B 246 14.07 -36.64 -23.71
CA VAL B 246 13.47 -35.97 -22.55
C VAL B 246 11.97 -36.20 -22.52
N ARG B 247 11.32 -36.11 -23.67
CA ARG B 247 9.88 -36.34 -23.77
C ARG B 247 9.43 -37.75 -23.34
N ASN B 248 10.36 -38.72 -23.35
CA ASN B 248 10.05 -40.09 -22.94
C ASN B 248 10.69 -40.45 -21.61
N ALA B 249 11.29 -39.47 -20.94
CA ALA B 249 11.84 -39.67 -19.60
C ALA B 249 10.70 -40.16 -18.67
N PRO B 250 11.04 -40.96 -17.65
CA PRO B 250 10.03 -41.29 -16.63
C PRO B 250 9.40 -40.04 -16.00
N LYS B 251 8.06 -40.06 -15.94
CA LYS B 251 7.31 -38.93 -15.46
C LYS B 251 7.07 -39.14 -13.96
N LEU B 252 7.35 -38.10 -13.19
CA LEU B 252 7.06 -38.11 -11.77
C LEU B 252 5.63 -38.57 -11.44
N ILE B 253 4.70 -38.36 -12.36
CA ILE B 253 3.29 -38.58 -12.10
C ILE B 253 2.98 -40.07 -11.94
N ASP B 254 3.82 -40.91 -12.54
CA ASP B 254 3.67 -42.37 -12.45
C ASP B 254 4.15 -42.97 -11.15
N PHE B 255 4.76 -42.14 -10.29
CA PHE B 255 5.21 -42.59 -8.98
C PHE B 255 4.34 -42.05 -7.85
N LEU B 256 3.17 -41.55 -8.19
CA LEU B 256 2.27 -41.06 -7.16
C LEU B 256 1.54 -42.26 -6.55
N GLY B 257 1.72 -42.41 -5.23
CA GLY B 257 0.89 -43.31 -4.45
C GLY B 257 -0.54 -42.83 -4.37
N ASP B 258 -1.39 -43.61 -3.73
CA ASP B 258 -2.78 -43.27 -3.83
C ASP B 258 -3.21 -42.05 -2.98
N VAL B 259 -2.48 -41.64 -1.94
CA VAL B 259 -2.85 -40.38 -1.27
C VAL B 259 -2.61 -39.17 -2.18
N SER B 260 -1.48 -39.19 -2.87
CA SER B 260 -1.10 -38.18 -3.85
C SER B 260 -2.02 -38.15 -5.05
N ARG B 261 -2.24 -39.33 -5.64
CA ARG B 261 -3.01 -39.42 -6.89
C ARG B 261 -4.40 -38.91 -6.58
N ALA B 262 -4.92 -39.28 -5.41
CA ALA B 262 -6.31 -38.96 -5.08
C ALA B 262 -6.44 -37.44 -4.98
N HIS B 263 -5.48 -36.81 -4.32
CA HIS B 263 -5.47 -35.35 -4.25
C HIS B 263 -5.39 -34.69 -5.62
N PHE B 264 -4.44 -35.09 -6.42
CA PHE B 264 -4.27 -34.54 -7.80
C PHE B 264 -5.49 -34.80 -8.67
N GLU B 265 -6.00 -36.01 -8.61
CA GLU B 265 -7.16 -36.36 -9.42
C GLU B 265 -8.40 -35.58 -8.94
N GLY B 266 -8.53 -35.41 -7.63
CA GLY B 266 -9.63 -34.62 -7.09
C GLY B 266 -9.54 -33.15 -7.47
N LEU B 267 -8.33 -32.62 -7.55
CA LEU B 267 -8.15 -31.26 -8.05
C LEU B 267 -8.64 -31.19 -9.49
N GLN B 268 -8.22 -32.16 -10.30
CA GLN B 268 -8.66 -32.19 -11.70
C GLN B 268 -10.18 -32.30 -11.83
N ARG B 269 -10.80 -33.05 -10.91
CA ARG B 269 -12.25 -33.22 -10.93
C ARG B 269 -12.89 -31.87 -10.77
N LEU B 270 -12.43 -31.11 -9.77
CA LEU B 270 -13.10 -29.85 -9.44
C LEU B 270 -12.91 -28.87 -10.58
N LEU B 271 -11.70 -28.84 -11.14
CA LEU B 271 -11.42 -27.94 -12.24
C LEU B 271 -12.29 -28.27 -13.45
N LYS B 272 -12.50 -29.55 -13.73
CA LYS B 272 -13.34 -29.90 -14.87
C LYS B 272 -14.77 -29.47 -14.59
N ALA B 273 -15.28 -29.79 -13.40
CA ALA B 273 -16.69 -29.45 -13.04
C ALA B 273 -16.95 -27.95 -13.17
N ASN B 274 -15.93 -27.14 -12.89
CA ASN B 274 -16.04 -25.68 -13.03
C ASN B 274 -15.52 -25.13 -14.35
N ASN B 275 -15.36 -26.01 -15.35
CA ASN B 275 -14.99 -25.61 -16.68
C ASN B 275 -13.72 -24.82 -16.74
N VAL B 276 -12.71 -25.21 -15.96
CA VAL B 276 -11.37 -24.64 -16.07
C VAL B 276 -10.50 -25.57 -16.87
N PRO B 277 -10.23 -25.19 -18.11
CA PRO B 277 -9.32 -26.06 -18.89
C PRO B 277 -7.86 -25.98 -18.41
N PHE B 278 -7.13 -27.08 -18.60
CA PHE B 278 -5.75 -27.14 -18.21
C PHE B 278 -4.94 -28.21 -18.98
N THR B 279 -3.62 -28.05 -18.92
CA THR B 279 -2.71 -29.04 -19.44
C THR B 279 -1.86 -29.48 -18.29
N ILE B 280 -1.53 -30.78 -18.28
CA ILE B 280 -0.59 -31.29 -17.29
C ILE B 280 0.77 -31.06 -17.88
N ASN B 281 1.59 -30.33 -17.15
CA ASN B 281 2.97 -30.10 -17.54
C ASN B 281 3.92 -30.74 -16.52
N PRO B 282 4.46 -31.90 -16.84
CA PRO B 282 5.26 -32.62 -15.87
C PRO B 282 6.64 -32.01 -15.67
N ARG B 283 7.05 -31.09 -16.56
CA ARG B 283 8.32 -30.35 -16.38
C ARG B 283 8.14 -29.14 -15.49
N LEU B 284 6.92 -28.95 -14.99
CA LEU B 284 6.64 -27.86 -14.10
C LEU B 284 7.22 -28.15 -12.73
N VAL B 285 8.32 -27.46 -12.40
CA VAL B 285 8.83 -27.35 -11.01
C VAL B 285 8.98 -25.87 -10.69
N ARG B 286 8.77 -25.53 -9.42
CA ARG B 286 8.87 -24.14 -8.99
C ARG B 286 10.23 -23.99 -8.27
N GLY B 287 10.68 -22.74 -8.10
CA GLY B 287 12.01 -22.44 -7.56
C GLY B 287 12.16 -22.36 -6.03
N LEU B 288 11.54 -23.28 -5.31
CA LEU B 288 11.78 -23.47 -3.87
C LEU B 288 11.30 -24.86 -3.42
N ASP B 289 12.07 -25.52 -2.56
CA ASP B 289 11.84 -26.93 -2.16
C ASP B 289 10.80 -27.18 -1.05
N TYR B 290 9.99 -26.17 -0.71
CA TYR B 290 8.89 -26.42 0.25
C TYR B 290 7.61 -27.01 -0.42
N TYR B 291 7.48 -26.88 -1.74
CA TYR B 291 6.31 -27.38 -2.46
C TYR B 291 6.15 -28.89 -2.39
N ASN B 292 4.93 -29.32 -2.18
CA ASN B 292 4.58 -30.71 -2.07
C ASN B 292 3.25 -30.85 -2.81
N LEU B 293 3.01 -32.00 -3.46
CA LEU B 293 1.71 -32.20 -4.11
C LEU B 293 1.42 -31.16 -5.23
N THR B 294 0.27 -30.50 -5.19
CA THR B 294 -0.14 -29.55 -6.26
C THR B 294 0.87 -28.46 -6.54
N VAL B 295 1.20 -28.31 -7.81
CA VAL B 295 1.88 -27.13 -8.26
C VAL B 295 1.24 -26.65 -9.55
N PHE B 296 1.17 -25.34 -9.76
CA PHE B 296 0.50 -24.84 -10.97
C PHE B 296 1.03 -23.49 -11.39
N GLU B 297 0.86 -23.20 -12.67
CA GLU B 297 1.32 -21.95 -13.24
C GLU B 297 0.25 -21.47 -14.20
N TRP B 298 0.11 -20.15 -14.30
CA TRP B 298 -0.68 -19.52 -15.35
C TRP B 298 0.24 -18.83 -16.32
N VAL B 299 0.10 -19.13 -17.60
CA VAL B 299 1.10 -18.76 -18.60
C VAL B 299 0.47 -18.08 -19.77
N THR B 300 1.23 -17.14 -20.34
CA THR B 300 0.81 -16.40 -21.50
C THR B 300 1.70 -16.82 -22.67
N ASP B 301 1.10 -17.33 -23.74
CA ASP B 301 1.87 -17.84 -24.89
C ASP B 301 2.36 -16.74 -25.81
N GLY B 307 6.90 -15.24 -19.03
CA GLY B 307 5.85 -16.10 -19.61
C GLY B 307 4.82 -16.50 -18.56
N THR B 308 5.31 -16.89 -17.39
CA THR B 308 4.47 -17.21 -16.25
C THR B 308 3.97 -15.95 -15.59
N VAL B 309 2.68 -15.90 -15.30
CA VAL B 309 2.03 -14.70 -14.83
C VAL B 309 1.46 -14.90 -13.42
N ALA B 310 1.19 -16.14 -13.05
CA ALA B 310 0.86 -16.51 -11.68
C ALA B 310 1.50 -17.86 -11.45
N ALA B 311 1.86 -18.15 -10.21
CA ALA B 311 2.42 -19.47 -9.89
C ALA B 311 2.14 -19.81 -8.44
N GLY B 312 1.93 -21.10 -8.17
CA GLY B 312 1.63 -21.52 -6.81
C GLY B 312 1.61 -23.01 -6.60
N GLY B 313 1.07 -23.41 -5.48
CA GLY B 313 1.05 -24.80 -5.16
C GLY B 313 0.90 -25.02 -3.66
N ARG B 314 0.90 -26.30 -3.32
CA ARG B 314 0.74 -26.76 -1.97
C ARG B 314 2.13 -26.94 -1.34
N TYR B 315 2.18 -26.80 -0.02
CA TYR B 315 3.43 -26.74 0.71
C TYR B 315 3.22 -27.15 2.17
N ASP B 316 2.53 -28.28 2.38
CA ASP B 316 2.14 -28.73 3.72
C ASP B 316 3.33 -28.85 4.73
N PRO B 317 4.49 -29.34 4.30
CA PRO B 317 5.58 -29.48 5.26
C PRO B 317 6.10 -28.15 5.87
N LEU B 318 5.95 -27.06 5.13
CA LEU B 318 6.59 -25.84 5.54
C LEU B 318 6.24 -25.38 6.96
N ILE B 319 4.99 -25.51 7.40
CA ILE B 319 4.63 -24.92 8.68
C ILE B 319 5.41 -25.59 9.78
N GLU B 320 5.39 -26.91 9.80
CA GLU B 320 6.19 -27.66 10.77
C GLU B 320 7.65 -27.27 10.70
N GLN B 321 8.20 -27.17 9.49
CA GLN B 321 9.61 -26.78 9.30
C GLN B 321 9.98 -25.42 9.92
N LEU B 322 8.98 -24.57 10.11
CA LEU B 322 9.19 -23.28 10.75
C LEU B 322 8.68 -23.27 12.18
N GLY B 323 8.47 -24.47 12.72
CA GLY B 323 8.28 -24.65 14.15
C GLY B 323 6.84 -24.68 14.59
N GLY B 324 5.93 -24.91 13.64
CA GLY B 324 4.49 -24.90 13.94
C GLY B 324 3.86 -26.27 13.99
N LYS B 325 2.72 -26.34 14.64
CA LYS B 325 1.93 -27.54 14.66
C LYS B 325 1.79 -27.99 13.19
N PRO B 326 2.11 -29.27 12.89
CA PRO B 326 1.97 -29.72 11.49
C PRO B 326 0.59 -29.44 10.89
N THR B 327 0.59 -28.96 9.66
CA THR B 327 -0.66 -28.66 8.98
C THR B 327 -0.50 -28.70 7.45
N ALA B 328 -1.57 -28.32 6.77
CA ALA B 328 -1.57 -28.17 5.33
C ALA B 328 -1.78 -26.71 4.88
N ALA B 329 -1.30 -26.40 3.67
CA ALA B 329 -1.32 -25.04 3.15
C ALA B 329 -1.11 -25.09 1.64
N CYS B 330 -1.82 -24.19 0.94
CA CYS B 330 -1.49 -23.91 -0.44
C CYS B 330 -1.71 -22.42 -0.72
N GLY B 331 -1.16 -21.95 -1.83
CA GLY B 331 -1.28 -20.54 -2.17
C GLY B 331 -0.75 -20.17 -3.52
N TRP B 332 -0.82 -18.87 -3.83
CA TRP B 332 -0.14 -18.36 -5.04
C TRP B 332 0.28 -16.93 -4.94
N ALA B 333 1.08 -16.50 -5.91
CA ALA B 333 1.54 -15.12 -6.04
C ALA B 333 1.64 -14.77 -7.52
N MET B 334 1.50 -13.47 -7.83
CA MET B 334 1.60 -12.92 -9.18
C MET B 334 2.55 -11.73 -9.16
N GLY B 335 3.37 -11.61 -10.19
CA GLY B 335 4.21 -10.44 -10.33
C GLY B 335 3.36 -9.37 -10.98
N ILE B 336 3.12 -8.29 -10.28
CA ILE B 336 2.23 -7.27 -10.80
C ILE B 336 2.79 -6.63 -12.08
N GLU B 337 4.06 -6.24 -12.05
CA GLU B 337 4.71 -5.55 -13.16
C GLU B 337 4.55 -6.28 -14.47
N ARG B 338 4.63 -7.60 -14.42
CA ARG B 338 4.43 -8.42 -15.62
C ARG B 338 2.98 -8.36 -16.11
N ILE B 339 2.03 -8.41 -15.19
CA ILE B 339 0.63 -8.27 -15.60
C ILE B 339 0.35 -6.85 -16.13
N LEU B 340 1.02 -5.85 -15.57
CA LEU B 340 0.83 -4.48 -16.04
C LEU B 340 1.31 -4.34 -17.47
N GLU B 341 2.49 -4.86 -17.76
CA GLU B 341 2.97 -4.83 -19.16
C GLU B 341 1.91 -5.46 -20.09
N LEU B 342 1.30 -6.56 -19.68
CA LEU B 342 0.26 -7.17 -20.49
C LEU B 342 -0.92 -6.25 -20.73
N LEU B 343 -1.35 -5.54 -19.70
CA LEU B 343 -2.51 -4.67 -19.84
C LEU B 343 -2.19 -3.56 -20.83
N LYS B 344 -0.93 -3.11 -20.85
CA LYS B 344 -0.47 -2.11 -21.83
C LYS B 344 -0.47 -2.72 -23.24
N GLU B 345 0.22 -3.84 -23.41
CA GLU B 345 0.26 -4.54 -24.70
C GLU B 345 -1.16 -4.70 -25.28
N GLU B 346 -2.12 -5.13 -24.45
CA GLU B 346 -3.48 -5.39 -24.98
C GLU B 346 -4.39 -4.14 -24.91
N HIS B 347 -3.80 -2.98 -24.65
CA HIS B 347 -4.52 -1.68 -24.60
C HIS B 347 -5.65 -1.59 -23.62
N LEU B 348 -5.48 -2.19 -22.45
CA LEU B 348 -6.53 -2.21 -21.44
C LEU B 348 -6.29 -1.16 -20.34
N VAL B 349 -5.34 -0.26 -20.59
CA VAL B 349 -5.05 0.86 -19.70
C VAL B 349 -6.23 1.81 -19.67
N PRO B 350 -6.95 1.91 -18.55
CA PRO B 350 -8.08 2.85 -18.48
C PRO B 350 -7.67 4.32 -18.63
N GLU B 351 -8.64 5.20 -18.92
CA GLU B 351 -8.34 6.61 -19.11
C GLU B 351 -8.03 7.23 -17.75
N GLN B 352 -7.12 8.22 -17.71
CA GLN B 352 -6.93 9.05 -16.51
C GLN B 352 -8.29 9.70 -16.14
N GLU B 353 -8.66 9.70 -14.85
CA GLU B 353 -9.81 10.49 -14.36
C GLU B 353 -9.29 11.87 -13.91
N GLY B 354 -10.13 12.89 -14.13
CA GLY B 354 -9.76 14.24 -13.75
C GLY B 354 -10.60 14.69 -12.58
N VAL B 355 -10.23 15.83 -12.01
CA VAL B 355 -11.03 16.43 -10.96
C VAL B 355 -12.31 16.98 -11.57
N ASP B 356 -13.27 17.40 -10.76
CA ASP B 356 -14.50 17.99 -11.27
C ASP B 356 -14.35 19.47 -11.60
N VAL B 357 -13.63 20.23 -10.77
CA VAL B 357 -13.53 21.70 -10.92
C VAL B 357 -12.07 22.23 -10.77
N TYR B 358 -11.73 23.27 -11.51
CA TYR B 358 -10.42 23.96 -11.37
C TYR B 358 -10.79 25.38 -11.03
N VAL B 359 -10.34 25.89 -9.90
CA VAL B 359 -10.75 27.23 -9.47
C VAL B 359 -9.71 28.21 -9.92
N VAL B 360 -10.16 29.17 -10.73
CA VAL B 360 -9.31 30.20 -11.35
C VAL B 360 -9.59 31.53 -10.73
N HIS B 361 -8.56 32.33 -10.56
CA HIS B 361 -8.74 33.65 -9.92
C HIS B 361 -7.67 34.65 -10.23
N GLN B 362 -8.03 35.93 -10.17
CA GLN B 362 -7.05 37.04 -10.15
C GLN B 362 -7.50 38.11 -9.16
N GLY B 363 -6.53 38.70 -8.49
CA GLY B 363 -6.80 39.63 -7.40
C GLY B 363 -6.69 38.94 -6.05
N ASP B 364 -6.32 39.72 -5.05
CA ASP B 364 -6.21 39.24 -3.66
C ASP B 364 -7.55 38.86 -3.06
N ALA B 365 -8.58 39.63 -3.36
CA ALA B 365 -9.90 39.36 -2.82
C ALA B 365 -10.38 38.04 -3.39
N ALA B 366 -10.16 37.88 -4.69
CA ALA B 366 -10.60 36.71 -5.42
C ALA B 366 -9.92 35.44 -4.94
N ARG B 367 -8.61 35.51 -4.68
CA ARG B 367 -7.87 34.35 -4.18
C ARG B 367 -8.40 33.88 -2.84
N GLU B 368 -8.70 34.79 -1.92
CA GLU B 368 -9.28 34.35 -0.65
C GLU B 368 -10.60 33.64 -0.90
N GLN B 369 -11.46 34.25 -1.72
CA GLN B 369 -12.72 33.62 -2.05
C GLN B 369 -12.49 32.28 -2.75
N ALA B 370 -11.54 32.24 -3.66
CA ALA B 370 -11.28 31.01 -4.41
C ALA B 370 -10.99 29.88 -3.43
N PHE B 371 -10.20 30.21 -2.41
CA PHE B 371 -9.83 29.28 -1.37
C PHE B 371 -11.02 28.71 -0.63
N ILE B 372 -11.84 29.63 -0.13
CA ILE B 372 -13.01 29.30 0.68
C ILE B 372 -13.97 28.49 -0.13
N VAL B 373 -14.24 28.88 -1.37
CA VAL B 373 -15.19 28.11 -2.21
C VAL B 373 -14.66 26.74 -2.64
N ALA B 374 -13.38 26.66 -2.95
CA ALA B 374 -12.75 25.36 -3.19
C ALA B 374 -13.06 24.42 -2.00
N GLU B 375 -13.02 24.95 -0.78
CA GLU B 375 -13.26 24.09 0.37
C GLU B 375 -14.73 23.68 0.49
N ARG B 376 -15.64 24.63 0.21
CA ARG B 376 -17.08 24.36 0.26
C ARG B 376 -17.39 23.32 -0.81
N LEU B 377 -16.89 23.47 -2.03
CA LEU B 377 -17.14 22.49 -3.08
C LEU B 377 -16.68 21.09 -2.72
N ARG B 378 -15.54 20.98 -2.05
CA ARG B 378 -15.04 19.69 -1.59
C ARG B 378 -15.92 19.15 -0.48
N ASP B 379 -16.43 20.02 0.40
CA ASP B 379 -17.38 19.57 1.46
C ASP B 379 -18.60 18.88 0.86
N THR B 380 -18.92 19.26 -0.37
CA THR B 380 -20.08 18.72 -1.06
C THR B 380 -19.80 17.48 -1.86
N GLY B 381 -18.59 16.95 -1.81
CA GLY B 381 -18.25 15.73 -2.57
C GLY B 381 -17.52 15.93 -3.90
N LEU B 382 -17.27 17.17 -4.33
CA LEU B 382 -16.54 17.37 -5.58
C LEU B 382 -15.05 17.26 -5.39
N ASP B 383 -14.32 16.98 -6.46
CA ASP B 383 -12.85 17.00 -6.45
C ASP B 383 -12.42 18.33 -7.09
N VAL B 384 -11.53 19.05 -6.44
CA VAL B 384 -11.26 20.44 -6.84
C VAL B 384 -9.79 20.70 -6.75
N ILE B 385 -9.22 21.33 -7.77
CA ILE B 385 -7.87 21.91 -7.68
C ILE B 385 -8.00 23.43 -7.62
N LEU B 386 -7.32 24.05 -6.67
CA LEU B 386 -7.31 25.50 -6.50
C LEU B 386 -6.07 25.98 -7.19
N HIS B 387 -6.18 26.94 -8.09
CA HIS B 387 -5.00 27.40 -8.74
C HIS B 387 -4.03 27.99 -7.75
N CYS B 388 -2.79 27.49 -7.78
CA CYS B 388 -1.66 28.07 -7.04
C CYS B 388 -0.46 28.21 -7.99
N SER B 389 0.22 29.35 -7.90
CA SER B 389 1.27 29.68 -8.85
C SER B 389 2.61 29.34 -8.31
N ALA B 390 3.52 28.99 -9.21
CA ALA B 390 4.91 28.72 -8.83
C ALA B 390 5.47 29.85 -7.94
N ASP B 391 5.24 31.08 -8.37
CA ASP B 391 5.89 32.28 -7.79
C ASP B 391 5.11 32.93 -6.62
N GLY B 392 3.94 32.36 -6.30
CA GLY B 392 3.17 32.73 -5.11
C GLY B 392 2.10 33.77 -5.36
N ALA B 393 2.37 34.67 -6.32
CA ALA B 393 1.48 35.77 -6.67
C ALA B 393 0.46 35.28 -7.69
N GLY B 394 -0.36 36.20 -8.17
CA GLY B 394 -1.31 35.88 -9.21
C GLY B 394 -0.66 35.28 -10.45
N ALA B 395 -1.51 34.79 -11.35
CA ALA B 395 -1.09 34.50 -12.70
C ALA B 395 -2.13 35.04 -13.67
N SER B 396 -1.80 34.98 -14.95
CA SER B 396 -2.69 35.47 -16.00
C SER B 396 -3.88 34.53 -16.11
N PHE B 397 -5.02 35.09 -16.48
CA PHE B 397 -6.20 34.30 -16.77
C PHE B 397 -5.90 33.20 -17.80
N LYS B 398 -5.14 33.50 -18.84
CA LYS B 398 -4.88 32.55 -19.91
C LYS B 398 -4.06 31.37 -19.40
N SER B 399 -3.01 31.65 -18.63
CA SER B 399 -2.16 30.58 -18.09
C SER B 399 -2.95 29.67 -17.15
N GLN B 400 -3.77 30.28 -16.30
CA GLN B 400 -4.61 29.52 -15.38
C GLN B 400 -5.56 28.66 -16.18
N MET B 401 -6.14 29.23 -17.22
CA MET B 401 -7.08 28.48 -18.02
C MET B 401 -6.40 27.33 -18.75
N LYS B 402 -5.12 27.50 -19.11
CA LYS B 402 -4.34 26.42 -19.73
C LYS B 402 -4.20 25.30 -18.70
N ARG B 403 -3.89 25.66 -17.46
CA ARG B 403 -3.82 24.65 -16.37
C ARG B 403 -5.15 23.98 -16.14
N ALA B 404 -6.22 24.77 -16.19
CA ALA B 404 -7.56 24.22 -16.05
C ALA B 404 -7.77 23.14 -17.08
N ASP B 405 -7.47 23.45 -18.35
CA ASP B 405 -7.62 22.45 -19.43
C ASP B 405 -6.82 21.18 -19.14
N ALA B 406 -5.51 21.34 -19.01
CA ALA B 406 -4.61 20.20 -18.75
C ALA B 406 -5.05 19.34 -17.55
N SER B 407 -5.75 19.92 -16.59
CA SER B 407 -6.13 19.19 -15.36
C SER B 407 -7.18 18.08 -15.53
N GLY B 408 -7.90 18.09 -16.65
CA GLY B 408 -9.03 17.19 -16.82
C GLY B 408 -10.27 17.61 -16.04
N ALA B 409 -10.26 18.81 -15.47
CA ALA B 409 -11.44 19.28 -14.75
C ALA B 409 -12.58 19.39 -15.75
N ALA B 410 -13.81 19.25 -15.29
CA ALA B 410 -14.99 19.47 -16.12
C ALA B 410 -15.40 20.94 -16.17
N PHE B 411 -15.11 21.71 -15.13
CA PHE B 411 -15.44 23.12 -15.09
C PHE B 411 -14.30 23.94 -14.56
N ALA B 412 -14.20 25.16 -15.04
CA ALA B 412 -13.42 26.15 -14.38
C ALA B 412 -14.43 27.01 -13.64
N VAL B 413 -14.19 27.23 -12.36
CA VAL B 413 -14.96 28.16 -11.59
C VAL B 413 -14.05 29.36 -11.41
N ILE B 414 -14.53 30.53 -11.82
CA ILE B 414 -13.68 31.71 -12.00
C ILE B 414 -14.09 32.82 -11.05
N PHE B 415 -13.08 33.42 -10.40
CA PHE B 415 -13.31 34.60 -9.56
C PHE B 415 -12.37 35.74 -9.95
N GLY B 416 -12.96 36.85 -10.38
CA GLY B 416 -12.27 38.13 -10.47
C GLY B 416 -12.93 39.12 -9.52
N GLU B 417 -12.61 40.40 -9.68
CA GLU B 417 -13.13 41.41 -8.76
C GLU B 417 -14.66 41.56 -8.97
N ASP B 418 -15.13 41.51 -10.20
CA ASP B 418 -16.58 41.62 -10.43
C ASP B 418 -17.34 40.54 -9.66
N GLU B 419 -16.87 39.29 -9.77
CA GLU B 419 -17.51 38.14 -9.10
C GLU B 419 -17.58 38.30 -7.59
N VAL B 420 -16.49 38.76 -7.01
CA VAL B 420 -16.45 39.01 -5.58
C VAL B 420 -17.45 40.06 -5.15
N THR B 421 -17.43 41.19 -5.86
CA THR B 421 -18.36 42.29 -5.58
C THR B 421 -19.80 41.81 -5.73
N ASN B 422 -20.13 41.20 -6.89
CA ASN B 422 -21.51 40.79 -7.19
C ASN B 422 -22.01 39.60 -6.40
N GLY B 423 -21.08 38.90 -5.75
CA GLY B 423 -21.42 37.71 -4.97
C GLY B 423 -21.70 36.52 -5.87
N THR B 424 -20.99 36.46 -7.01
CA THR B 424 -21.21 35.41 -7.98
C THR B 424 -19.94 34.57 -8.17
N ALA B 425 -20.10 33.49 -8.94
CA ALA B 425 -19.01 32.70 -9.45
C ALA B 425 -19.26 32.51 -10.92
N SER B 426 -18.21 32.61 -11.71
CA SER B 426 -18.36 32.49 -13.13
C SER B 426 -17.92 31.08 -13.50
N VAL B 427 -18.81 30.30 -14.12
CA VAL B 427 -18.54 28.90 -14.43
C VAL B 427 -18.38 28.67 -15.95
N LYS B 428 -17.24 28.13 -16.37
CA LYS B 428 -16.98 27.76 -17.78
C LYS B 428 -16.78 26.25 -17.95
N PRO B 429 -17.70 25.56 -18.64
CA PRO B 429 -17.49 24.14 -18.96
C PRO B 429 -16.22 23.91 -19.77
N LEU B 430 -15.48 22.84 -19.44
CA LEU B 430 -14.31 22.40 -20.19
C LEU B 430 -14.56 20.97 -20.66
N SER B 440 -20.25 24.86 -23.48
CA SER B 440 -21.03 26.09 -23.59
C SER B 440 -20.15 27.33 -23.44
N VAL B 441 -20.79 28.43 -23.05
CA VAL B 441 -20.07 29.66 -22.73
C VAL B 441 -20.07 29.84 -21.22
N GLN B 442 -19.24 30.77 -20.81
CA GLN B 442 -19.04 31.13 -19.43
C GLN B 442 -20.32 31.70 -18.81
N GLN B 443 -20.70 31.20 -17.62
CA GLN B 443 -21.98 31.60 -17.02
C GLN B 443 -21.90 32.05 -15.56
N SER B 444 -22.57 33.16 -15.26
CA SER B 444 -22.63 33.70 -13.92
C SER B 444 -23.70 33.05 -13.06
N VAL B 445 -23.35 32.79 -11.82
CA VAL B 445 -24.18 32.05 -10.88
C VAL B 445 -23.98 32.65 -9.50
N PRO B 446 -25.06 32.86 -8.75
CA PRO B 446 -24.89 33.26 -7.35
C PRO B 446 -24.06 32.24 -6.59
N VAL B 447 -23.06 32.70 -5.86
CA VAL B 447 -22.09 31.78 -5.25
C VAL B 447 -22.80 30.77 -4.35
N GLU B 448 -23.87 31.21 -3.68
CA GLU B 448 -24.72 30.30 -2.86
C GLU B 448 -25.45 29.19 -3.65
N SER B 449 -25.37 29.23 -4.98
CA SER B 449 -26.01 28.24 -5.83
C SER B 449 -25.02 27.41 -6.64
N LEU B 450 -23.74 27.70 -6.51
CA LEU B 450 -22.72 27.05 -7.34
C LEU B 450 -22.77 25.54 -7.20
N THR B 451 -23.07 25.07 -6.00
CA THR B 451 -23.07 23.63 -5.79
C THR B 451 -24.19 22.95 -6.57
N GLU B 452 -25.42 23.45 -6.38
CA GLU B 452 -26.59 22.95 -7.15
C GLU B 452 -26.30 23.10 -8.66
N PHE B 453 -25.74 24.24 -9.06
CA PHE B 453 -25.41 24.43 -10.46
C PHE B 453 -24.50 23.33 -10.98
N LEU B 454 -23.39 23.07 -10.27
CA LEU B 454 -22.40 22.15 -10.80
C LEU B 454 -22.99 20.76 -10.83
N ILE B 455 -23.61 20.36 -9.73
CA ILE B 455 -24.18 19.02 -9.66
C ILE B 455 -25.09 18.81 -10.86
N ASN B 456 -26.08 19.71 -11.00
CA ASN B 456 -27.00 19.67 -12.13
C ASN B 456 -26.29 19.52 -13.45
N ALA B 457 -25.26 20.32 -13.66
CA ALA B 457 -24.49 20.28 -14.91
C ALA B 457 -23.83 18.94 -15.17
N MET B 458 -23.45 18.22 -14.11
CA MET B 458 -22.79 16.91 -14.26
C MET B 458 -23.75 15.72 -14.44
N VAL B 459 -25.02 15.91 -14.07
CA VAL B 459 -26.02 14.84 -14.20
C VAL B 459 -26.15 14.40 -15.67
N ALA B 460 -26.08 15.36 -16.59
CA ALA B 460 -25.78 15.08 -18.00
C ALA B 460 -24.27 14.87 -18.19
N HIS C . 9.23 13.95 5.57
CA HIS C . 8.84 14.57 6.87
C HIS C . 8.72 13.58 7.97
O HIS C . 8.96 12.39 7.80
CB HIS C . 7.50 15.31 6.71
CG HIS C . 7.42 16.16 5.45
ND1 HIS C . 8.05 17.33 5.34
CD2 HIS C . 6.77 15.95 4.27
CE1 HIS C . 7.81 17.85 4.14
NE2 HIS C . 7.02 17.01 3.49
OXT HIS C . 8.29 13.92 9.06
N HIS D . 5.60 -17.48 -2.69
CA HIS D . 5.64 -18.09 -4.05
C HIS D . 6.38 -17.24 -5.03
O HIS D . 6.92 -16.18 -4.68
CB HIS D . 4.24 -18.36 -4.58
CG HIS D . 3.34 -19.00 -3.58
ND1 HIS D . 3.43 -20.28 -3.28
CD2 HIS D . 2.38 -18.47 -2.75
CE1 HIS D . 2.55 -20.59 -2.32
NE2 HIS D . 1.91 -19.48 -1.99
OXT HIS D . 6.45 -17.61 -6.19
#